data_7LLY
#
_entry.id   7LLY
#
_cell.length_a   1.00
_cell.length_b   1.00
_cell.length_c   1.00
_cell.angle_alpha   90.00
_cell.angle_beta   90.00
_cell.angle_gamma   90.00
#
_symmetry.space_group_name_H-M   'P 1'
#
loop_
_entity.id
_entity.type
_entity.pdbx_description
1 polymer 'Guanine nucleotide-binding protein G(s) subunit alpha isoforms short'
2 polymer 'Guanine nucleotide-binding protein G(I)/G(S)/G(T) subunit beta-1'
3 polymer 'Guanine nucleotide-binding protein G(I)/G(S)/G(O) subunit gamma-2'
4 polymer Nb35
5 polymer Pro-glucagon
6 polymer 'Glucagon-like peptide 1 receptor'
#
loop_
_entity_poly.entity_id
_entity_poly.type
_entity_poly.pdbx_seq_one_letter_code
_entity_poly.pdbx_strand_id
1 'polypeptide(L)'
;MGCLGNSKTEDQRNEEKAQREANKKIEKQLQKDKQVYRATHRLLLLGAGESGKNTIVKQMRILHVNGFNGEGGEEDPQAA
RSNSDGEKATKVQDIKNNLKEAIETIVAAMSNLVPPVELANPENQFRVDYILSVMNVPDFDFPPEFYEHAKALWEDEGVR
ACYERSNEYQLIDCAQYFLDKIDVIKQADYVPSDQDLLRCRVLTSGIFETKFQVDKVNFHMFDVGAQRDERRKWIQCFND
VTAIIFVVASSSYNMVIREDNQTNRLQAALKLFDSIWNNKWLRDTSVILFLNKQDLLAEKVLAGKSKIEDYFPEFARYTT
PEDATPEPGEDPRVTRAKYFIRDEFLRISTASGDGRHYCYPHFTCAVDTENIRRVFNDCRDIIQRMHLRQYELL
;
A
2 'polypeptide(L)'
;QSELDQLRQEAEQLKNQIRDARKACADATLSQITNNIDPVGRIQMRTRRTLRGHLAKIYAMHWGTDSRLLVSASQDGKLI
IWDSYTTNKVHAIPLRSSWVMTCAYAPSGNYVACGGLDNICSIYNLKTREGNVRVSRELAGHTGYLSCCRFLDDNQIVTS
SGDTTCALWDIETGQQTTTFTGHTGDVMSLSLAPDTRLFVSGACDASAKLWDVREGMCRQTFTGHESDINAICFFPNGNA
FATGSDDATCRLFDLRADQELMTYSHDNIICGITSVSFSKSGRLLLAGYDDFNCNVWDALKADRAGVLAGHDNRVSCLGV
TDDGMAVATGSWDSFLKIWN
;
B
3 'polypeptide(L)' NTASIAQARKLVEQLKMEANIDRIKVSKAAADLMAYCEAHAKEDPLLTPVPASENPFR G
4 'polypeptide(L)'
;QVQLQESGGGLVQPGGSLRLSCAASGFTFSNYKMNWVRQAPGKGLEWVSDISQSGASISYTGSVKGRFTISRDNAKNTLY
LQMNSLKPEDTAVYYCARCPAPFTRDCFDVTSTTYAYRGQGTQVTVSS
;
N
5 'polypeptide(L)' HSQGTFTSDYSKYLDSRRAQDFVQWLMNTKRNKNNIA P
6 'polypeptide(L)'
;MKTIIALSYIFCLVFADYKDDDDLEVLFQGPARPQGATVSLWETVQKWREYRRQCQRSLTEDPPPATDLFCNRTFDEYAC
WPDGEPGSFVNVSCPWYLPWASSVPQGHVYRFCTAEGLWLQKDNSSLPWRDLSECEESKRGERSSPEEQLLFLYIIYTVG
YALSFSALVIASAILLGFRHLHCTRNYIHLNLFASFILRALSVFIKDAALKWMYSTAAQQHQWDGLLSYQDSLSCRLVFL
LMQYCVAANYYWLLVEGVYLYTLLAFSVFSEQWIFRLYVSIGWGVPLLFVVPWGIVKYLYEDEGCWTRNSNMNYWLIIRL
PILFAIGVNFLIFVRVICIVVSKLKANLMCKTDIKCRLAKSTLTLIPLLGTHEVIFAFVMDEHARGTLRFIKLFTELSFT
SFQGLMVAILYCFVNNEVQLEFRKSWERWRLEHLHIQRDSSMKPLKCPTSSLSSGATAGSSMYTATCQASCSPAGLEVLF
QGPHHHHHHHH
;
R
#
# COMPACT_ATOMS: atom_id res chain seq x y z
N ASP A 11 -9.68 24.45 35.79
CA ASP A 11 -10.16 24.70 34.43
C ASP A 11 -9.89 23.48 33.54
N GLN A 12 -10.01 23.68 32.23
CA GLN A 12 -9.82 22.61 31.26
C GLN A 12 -8.36 22.23 31.05
N ARG A 13 -7.42 23.04 31.54
CA ARG A 13 -6.01 22.72 31.32
C ARG A 13 -5.61 21.44 32.03
N ASN A 14 -5.97 21.31 33.31
CA ASN A 14 -5.60 20.11 34.06
C ASN A 14 -6.11 18.85 33.39
N GLU A 15 -7.40 18.80 33.06
CA GLU A 15 -7.96 17.62 32.43
C GLU A 15 -7.38 17.37 31.05
N GLU A 16 -6.86 18.42 30.40
CA GLU A 16 -6.30 18.25 29.06
C GLU A 16 -4.96 17.54 29.12
N LYS A 17 -4.14 17.85 30.13
CA LYS A 17 -2.87 17.16 30.27
C LYS A 17 -3.07 15.72 30.73
N ALA A 18 -4.06 15.49 31.60
CA ALA A 18 -4.40 14.13 31.97
C ALA A 18 -4.78 13.31 30.75
N GLN A 19 -5.53 13.90 29.82
CA GLN A 19 -5.82 13.22 28.56
C GLN A 19 -4.57 13.10 27.71
N ARG A 20 -3.73 14.15 27.70
CA ARG A 20 -2.49 14.09 26.94
C ARG A 20 -1.54 13.05 27.52
N GLU A 21 -1.41 13.02 28.85
CA GLU A 21 -0.56 12.02 29.48
C GLU A 21 -1.07 10.61 29.20
N ALA A 22 -2.41 10.45 29.18
CA ALA A 22 -2.98 9.15 28.81
C ALA A 22 -2.63 8.78 27.38
N ASN A 23 -2.79 9.74 26.45
CA ASN A 23 -2.42 9.48 25.07
C ASN A 23 -0.95 9.06 24.97
N LYS A 24 -0.06 9.78 25.65
CA LYS A 24 1.35 9.43 25.62
C LYS A 24 1.58 8.02 26.16
N LYS A 25 0.75 7.59 27.12
CA LYS A 25 0.89 6.24 27.65
C LYS A 25 0.49 5.20 26.62
N ILE A 26 -0.61 5.44 25.90
CA ILE A 26 -1.03 4.50 24.86
C ILE A 26 0.01 4.44 23.76
N GLU A 27 0.59 5.59 23.39
CA GLU A 27 1.64 5.59 22.38
C GLU A 27 2.83 4.74 22.81
N LYS A 28 3.26 4.88 24.06
CA LYS A 28 4.37 4.07 24.56
C LYS A 28 4.04 2.59 24.52
N GLN A 29 2.78 2.22 24.78
CA GLN A 29 2.40 0.82 24.75
C GLN A 29 2.23 0.32 23.32
N LEU A 30 1.57 1.12 22.47
CA LEU A 30 1.36 0.72 21.09
C LEU A 30 2.66 0.54 20.33
N GLN A 31 3.70 1.30 20.67
CA GLN A 31 4.98 1.15 19.97
C GLN A 31 5.55 -0.25 20.20
N LYS A 32 5.56 -0.70 21.46
CA LYS A 32 6.03 -2.05 21.75
C LYS A 32 5.12 -3.09 21.13
N ASP A 33 3.81 -2.83 21.12
CA ASP A 33 2.88 -3.74 20.48
C ASP A 33 3.15 -3.83 18.98
N LYS A 34 3.51 -2.71 18.36
CA LYS A 34 3.83 -2.72 16.94
C LYS A 34 5.11 -3.48 16.66
N GLN A 35 6.07 -3.43 17.59
CA GLN A 35 7.32 -4.15 17.42
C GLN A 35 7.08 -5.66 17.43
N VAL A 36 6.30 -6.14 18.40
CA VAL A 36 6.03 -7.58 18.47
C VAL A 36 5.12 -8.01 17.33
N TYR A 37 4.23 -7.12 16.86
CA TYR A 37 3.33 -7.49 15.78
C TYR A 37 4.08 -7.64 14.46
N ARG A 38 4.91 -6.66 14.12
CA ARG A 38 5.69 -6.75 12.89
C ARG A 38 6.79 -7.79 12.99
N ALA A 39 7.21 -8.16 14.20
CA ALA A 39 8.26 -9.15 14.39
C ALA A 39 7.76 -10.58 14.23
N THR A 40 6.47 -10.78 14.02
CA THR A 40 5.89 -12.11 13.85
C THR A 40 5.06 -12.16 12.57
N HIS A 41 4.83 -13.37 12.08
CA HIS A 41 4.08 -13.61 10.87
C HIS A 41 2.84 -14.44 11.18
N ARG A 42 1.78 -14.21 10.40
CA ARG A 42 0.53 -14.93 10.55
C ARG A 42 0.29 -15.79 9.31
N LEU A 43 -0.27 -16.98 9.54
CA LEU A 43 -0.54 -17.93 8.47
C LEU A 43 -1.94 -18.51 8.63
N LEU A 44 -2.49 -19.00 7.53
CA LEU A 44 -3.81 -19.61 7.50
C LEU A 44 -3.69 -21.04 6.98
N LEU A 45 -4.40 -21.96 7.63
CA LEU A 45 -4.45 -23.36 7.21
C LEU A 45 -5.90 -23.71 6.88
N LEU A 46 -6.14 -24.09 5.63
CA LEU A 46 -7.48 -24.49 5.19
C LEU A 46 -7.35 -25.69 4.27
N GLY A 47 -8.45 -26.43 4.13
CA GLY A 47 -8.49 -27.61 3.29
C GLY A 47 -8.31 -28.89 4.08
N ILE A 207 -11.83 -20.10 16.05
CA ILE A 207 -10.58 -20.27 15.31
C ILE A 207 -9.50 -20.78 16.26
N PHE A 208 -8.81 -21.85 15.85
CA PHE A 208 -7.77 -22.46 16.66
C PHE A 208 -6.42 -21.84 16.32
N GLU A 209 -5.70 -21.38 17.33
CA GLU A 209 -4.40 -20.77 17.16
C GLU A 209 -3.29 -21.78 17.42
N THR A 210 -2.21 -21.67 16.65
CA THR A 210 -1.05 -22.55 16.80
C THR A 210 0.20 -21.70 16.60
N LYS A 211 0.89 -21.41 17.70
CA LYS A 211 2.07 -20.56 17.69
C LYS A 211 3.32 -21.40 17.88
N PHE A 212 4.39 -21.02 17.19
CA PHE A 212 5.67 -21.71 17.32
C PHE A 212 6.76 -20.82 16.73
N GLN A 213 7.98 -21.01 17.22
CA GLN A 213 9.13 -20.24 16.78
C GLN A 213 10.04 -21.11 15.91
N VAL A 214 10.68 -20.49 14.93
CA VAL A 214 11.60 -21.17 14.02
C VAL A 214 12.82 -20.26 13.88
N ASP A 215 13.91 -20.61 14.55
CA ASP A 215 15.13 -19.82 14.51
C ASP A 215 14.88 -18.40 15.01
N LYS A 216 14.23 -18.31 16.17
CA LYS A 216 13.90 -17.02 16.79
C LYS A 216 12.96 -16.20 15.90
N VAL A 217 12.16 -16.87 15.08
CA VAL A 217 11.16 -16.22 14.23
C VAL A 217 9.81 -16.78 14.62
N ASN A 218 8.95 -15.92 15.17
CA ASN A 218 7.65 -16.34 15.65
C ASN A 218 6.68 -16.51 14.50
N PHE A 219 5.93 -17.62 14.51
CA PHE A 219 4.92 -17.91 13.52
C PHE A 219 3.58 -18.14 14.22
N HIS A 220 2.53 -17.56 13.66
CA HIS A 220 1.18 -17.66 14.22
C HIS A 220 0.28 -18.29 13.17
N MET A 221 0.09 -19.61 13.27
CA MET A 221 -0.75 -20.34 12.33
C MET A 221 -2.16 -20.46 12.92
N PHE A 222 -3.15 -19.98 12.17
CA PHE A 222 -4.54 -20.01 12.58
C PHE A 222 -5.31 -20.98 11.72
N ASP A 223 -6.13 -21.82 12.36
CA ASP A 223 -6.94 -22.81 11.66
C ASP A 223 -8.41 -22.49 11.93
N VAL A 224 -9.17 -22.23 10.86
CA VAL A 224 -10.59 -21.93 11.00
C VAL A 224 -11.32 -23.18 11.46
N GLY A 225 -12.13 -23.04 12.49
CA GLY A 225 -12.87 -24.16 13.05
C GLY A 225 -14.28 -23.76 13.44
N ALA A 226 -15.22 -24.67 13.23
CA ALA A 226 -16.64 -24.54 13.56
C ALA A 226 -17.37 -23.62 12.61
N GLN A 227 -16.68 -22.98 11.66
CA GLN A 227 -17.36 -22.10 10.72
C GLN A 227 -18.10 -22.92 9.67
N ARG A 228 -19.14 -22.30 9.11
CA ARG A 228 -19.97 -22.98 8.12
C ARG A 228 -19.19 -23.22 6.84
N ASP A 229 -19.79 -24.01 5.95
CA ASP A 229 -19.15 -24.31 4.66
C ASP A 229 -18.92 -23.04 3.87
N GLU A 230 -19.91 -22.15 3.83
CA GLU A 230 -19.76 -20.91 3.08
C GLU A 230 -18.58 -20.10 3.60
N ARG A 231 -17.67 -19.72 2.70
CA ARG A 231 -16.44 -19.05 3.08
C ARG A 231 -16.17 -17.79 2.27
N ARG A 232 -17.16 -17.28 1.53
CA ARG A 232 -16.93 -16.09 0.71
C ARG A 232 -16.87 -14.81 1.53
N LYS A 233 -17.03 -14.88 2.85
CA LYS A 233 -17.02 -13.69 3.69
C LYS A 233 -15.91 -13.70 4.73
N TRP A 234 -15.74 -14.78 5.50
CA TRP A 234 -14.72 -14.78 6.54
C TRP A 234 -13.33 -14.93 5.95
N ILE A 235 -13.24 -15.49 4.74
CA ILE A 235 -11.96 -15.61 4.06
C ILE A 235 -11.37 -14.25 3.70
N GLN A 236 -12.19 -13.19 3.67
CA GLN A 236 -11.68 -11.87 3.35
C GLN A 236 -10.87 -11.28 4.49
N CYS A 237 -11.18 -11.65 5.74
CA CYS A 237 -10.41 -11.16 6.88
C CYS A 237 -8.96 -11.61 6.84
N PHE A 238 -8.62 -12.58 6.01
CA PHE A 238 -7.26 -13.10 5.90
C PHE A 238 -6.52 -12.50 4.72
N ASN A 239 -6.79 -11.23 4.41
CA ASN A 239 -6.12 -10.58 3.28
C ASN A 239 -4.66 -10.29 3.61
N ASP A 240 -4.40 -9.72 4.79
CA ASP A 240 -3.03 -9.36 5.18
C ASP A 240 -2.39 -10.52 5.95
N VAL A 241 -2.15 -11.59 5.22
CA VAL A 241 -1.50 -12.79 5.76
C VAL A 241 -0.27 -13.09 4.92
N THR A 242 0.79 -13.55 5.58
CA THR A 242 2.04 -13.84 4.88
C THR A 242 1.84 -14.93 3.84
N ALA A 243 1.20 -16.03 4.24
CA ALA A 243 0.96 -17.14 3.33
C ALA A 243 -0.25 -17.93 3.81
N ILE A 244 -0.97 -18.52 2.86
CA ILE A 244 -2.17 -19.31 3.15
C ILE A 244 -1.83 -20.76 2.82
N ILE A 245 -1.53 -21.56 3.85
CA ILE A 245 -1.25 -22.97 3.64
C ILE A 245 -2.52 -23.65 3.17
N PHE A 246 -2.41 -24.39 2.05
CA PHE A 246 -3.56 -25.04 1.42
C PHE A 246 -3.23 -26.52 1.23
N VAL A 247 -3.89 -27.38 2.00
CA VAL A 247 -3.69 -28.82 1.91
C VAL A 247 -4.80 -29.40 1.06
N VAL A 248 -4.53 -30.58 0.48
CA VAL A 248 -5.48 -31.28 -0.36
C VAL A 248 -5.60 -32.72 0.12
N ALA A 249 -6.44 -33.48 -0.56
CA ALA A 249 -6.65 -34.89 -0.22
C ALA A 249 -6.66 -35.76 -1.48
N ASN A 264 -13.54 -35.89 -7.84
CA ASN A 264 -14.52 -35.68 -6.78
C ASN A 264 -13.85 -35.18 -5.51
N ARG A 265 -13.01 -36.03 -4.91
CA ARG A 265 -12.32 -35.66 -3.68
C ARG A 265 -11.28 -34.57 -3.91
N LEU A 266 -10.76 -34.44 -5.13
CA LEU A 266 -9.74 -33.45 -5.44
C LEU A 266 -10.25 -32.33 -6.34
N GLN A 267 -11.22 -32.61 -7.22
CA GLN A 267 -11.75 -31.56 -8.07
C GLN A 267 -12.33 -30.41 -7.26
N ALA A 268 -12.94 -30.72 -6.11
CA ALA A 268 -13.44 -29.66 -5.24
C ALA A 268 -12.29 -28.80 -4.71
N ALA A 269 -11.20 -29.45 -4.27
CA ALA A 269 -10.04 -28.70 -3.81
C ALA A 269 -9.41 -27.91 -4.95
N LEU A 270 -9.42 -28.47 -6.15
CA LEU A 270 -8.88 -27.75 -7.31
C LEU A 270 -9.63 -26.44 -7.53
N LYS A 271 -10.97 -26.50 -7.50
CA LYS A 271 -11.75 -25.29 -7.70
C LYS A 271 -11.62 -24.34 -6.51
N LEU A 272 -11.47 -24.89 -5.30
CA LEU A 272 -11.28 -24.04 -4.14
C LEU A 272 -10.01 -23.20 -4.27
N PHE A 273 -8.91 -23.81 -4.70
CA PHE A 273 -7.69 -23.04 -4.95
C PHE A 273 -7.87 -22.11 -6.13
N ASP A 274 -8.57 -22.57 -7.18
CA ASP A 274 -8.84 -21.71 -8.33
C ASP A 274 -9.61 -20.47 -7.90
N SER A 275 -10.61 -20.65 -7.04
CA SER A 275 -11.43 -19.52 -6.61
C SER A 275 -10.66 -18.59 -5.69
N ILE A 276 -9.73 -19.13 -4.89
CA ILE A 276 -8.95 -18.29 -3.99
C ILE A 276 -7.82 -17.58 -4.75
N TRP A 277 -7.36 -18.17 -5.86
CA TRP A 277 -6.22 -17.60 -6.58
C TRP A 277 -6.57 -16.24 -7.17
N ASN A 278 -7.56 -16.19 -8.07
CA ASN A 278 -7.89 -14.97 -8.78
C ASN A 278 -9.07 -14.25 -8.12
N ASN A 279 -8.86 -13.90 -6.84
CA ASN A 279 -9.84 -13.14 -6.07
C ASN A 279 -9.37 -11.70 -5.93
N LYS A 280 -10.31 -10.76 -6.00
CA LYS A 280 -9.97 -9.35 -5.99
C LYS A 280 -9.33 -8.92 -4.68
N TRP A 281 -9.54 -9.67 -3.59
CA TRP A 281 -8.98 -9.32 -2.29
C TRP A 281 -7.76 -10.15 -1.92
N LEU A 282 -7.71 -11.41 -2.33
CA LEU A 282 -6.57 -12.29 -2.04
C LEU A 282 -5.59 -12.37 -3.22
N ARG A 283 -5.59 -11.36 -4.09
CA ARG A 283 -4.68 -11.35 -5.23
C ARG A 283 -3.24 -11.04 -4.83
N ASP A 284 -3.03 -10.46 -3.64
CA ASP A 284 -1.69 -10.13 -3.16
C ASP A 284 -1.20 -11.11 -2.11
N THR A 285 -1.93 -12.20 -1.87
CA THR A 285 -1.57 -13.20 -0.87
C THR A 285 -1.18 -14.49 -1.57
N SER A 286 0.04 -14.94 -1.34
CA SER A 286 0.51 -16.18 -1.93
C SER A 286 -0.11 -17.38 -1.21
N VAL A 287 -0.04 -18.54 -1.86
CA VAL A 287 -0.64 -19.77 -1.36
C VAL A 287 0.42 -20.86 -1.40
N ILE A 288 0.53 -21.61 -0.31
CA ILE A 288 1.43 -22.75 -0.22
C ILE A 288 0.60 -24.02 -0.35
N LEU A 289 1.08 -24.96 -1.17
CA LEU A 289 0.38 -26.20 -1.47
C LEU A 289 1.12 -27.37 -0.83
N PHE A 290 0.43 -28.10 0.04
CA PHE A 290 0.96 -29.30 0.68
C PHE A 290 0.12 -30.48 0.21
N LEU A 291 0.60 -31.19 -0.81
CA LEU A 291 -0.14 -32.30 -1.40
C LEU A 291 -0.01 -33.50 -0.48
N ASN A 292 -0.99 -33.66 0.40
CA ASN A 292 -1.02 -34.77 1.34
C ASN A 292 -1.20 -36.09 0.59
N ILE A 308 -7.56 -39.90 -9.80
CA ILE A 308 -7.24 -41.16 -10.46
C ILE A 308 -7.74 -41.13 -11.90
N GLU A 309 -7.58 -42.26 -12.61
CA GLU A 309 -7.95 -42.33 -14.01
C GLU A 309 -9.46 -42.20 -14.23
N ASP A 310 -10.26 -42.60 -13.25
CA ASP A 310 -11.71 -42.52 -13.41
C ASP A 310 -12.18 -41.07 -13.48
N TYR A 311 -11.77 -40.24 -12.51
CA TYR A 311 -12.22 -38.86 -12.48
C TYR A 311 -11.55 -38.01 -13.55
N PHE A 312 -10.24 -38.17 -13.74
CA PHE A 312 -9.49 -37.36 -14.68
C PHE A 312 -9.02 -38.23 -15.83
N PRO A 313 -9.39 -37.94 -17.08
CA PRO A 313 -8.88 -38.73 -18.21
C PRO A 313 -7.50 -38.32 -18.70
N GLU A 314 -7.00 -37.15 -18.27
CA GLU A 314 -5.69 -36.70 -18.71
C GLU A 314 -4.55 -37.58 -18.20
N PHE A 315 -4.81 -38.43 -17.21
CA PHE A 315 -3.78 -39.29 -16.66
C PHE A 315 -3.43 -40.47 -17.56
N ALA A 316 -4.04 -40.57 -18.74
CA ALA A 316 -3.75 -41.65 -19.68
C ALA A 316 -2.59 -41.29 -20.60
N ARG A 317 -2.72 -40.20 -21.34
CA ARG A 317 -1.71 -39.75 -22.29
C ARG A 317 -0.75 -38.73 -21.70
N TYR A 318 -0.63 -38.68 -20.37
CA TYR A 318 0.30 -37.76 -19.72
C TYR A 318 1.67 -38.40 -19.56
N THR A 319 2.71 -37.61 -19.76
CA THR A 319 4.09 -38.08 -19.68
C THR A 319 4.79 -37.40 -18.50
N THR A 320 5.61 -38.17 -17.79
CA THR A 320 6.34 -37.62 -16.67
C THR A 320 7.37 -36.62 -17.16
N PRO A 321 7.48 -35.43 -16.56
CA PRO A 321 8.48 -34.46 -17.01
C PRO A 321 9.89 -34.97 -16.80
N GLU A 322 10.77 -34.71 -17.77
CA GLU A 322 12.14 -35.17 -17.68
C GLU A 322 12.92 -34.51 -16.55
N ASP A 323 12.51 -33.32 -16.12
CA ASP A 323 13.19 -32.61 -15.04
C ASP A 323 12.71 -33.04 -13.66
N ALA A 324 12.02 -34.17 -13.55
CA ALA A 324 11.52 -34.63 -12.26
C ALA A 324 12.67 -35.18 -11.41
N THR A 325 12.40 -35.33 -10.12
CA THR A 325 13.34 -35.87 -9.15
C THR A 325 12.68 -37.07 -8.47
N PRO A 326 12.51 -38.17 -9.20
CA PRO A 326 11.84 -39.34 -8.61
C PRO A 326 12.75 -40.06 -7.61
N GLU A 327 12.23 -40.28 -6.41
CA GLU A 327 12.99 -41.00 -5.39
C GLU A 327 12.93 -42.49 -5.69
N PRO A 328 14.06 -43.20 -5.67
CA PRO A 328 14.07 -44.59 -6.14
C PRO A 328 13.41 -45.59 -5.20
N GLY A 329 12.72 -45.09 -4.19
CA GLY A 329 12.09 -45.95 -3.20
C GLY A 329 10.69 -46.39 -3.53
N GLU A 330 10.09 -45.83 -4.59
CA GLU A 330 8.74 -46.16 -4.98
C GLU A 330 8.66 -46.23 -6.49
N ASP A 331 7.58 -46.86 -6.98
CA ASP A 331 7.40 -47.02 -8.40
C ASP A 331 7.12 -45.68 -9.07
N PRO A 332 7.35 -45.57 -10.38
CA PRO A 332 7.03 -44.32 -11.09
C PRO A 332 5.54 -44.03 -11.20
N ARG A 333 4.68 -44.97 -10.79
CA ARG A 333 3.24 -44.73 -10.86
C ARG A 333 2.84 -43.57 -9.97
N VAL A 334 3.20 -43.63 -8.68
CA VAL A 334 2.79 -42.57 -7.75
C VAL A 334 3.47 -41.25 -8.11
N THR A 335 4.75 -41.31 -8.49
CA THR A 335 5.46 -40.08 -8.83
C THR A 335 4.79 -39.36 -9.99
N ARG A 336 4.38 -40.11 -11.02
CA ARG A 336 3.67 -39.50 -12.13
C ARG A 336 2.34 -38.92 -11.68
N ALA A 337 1.74 -39.49 -10.63
CA ALA A 337 0.48 -38.97 -10.12
C ALA A 337 0.68 -37.63 -9.42
N LYS A 338 1.69 -37.55 -8.53
CA LYS A 338 1.94 -36.31 -7.83
C LYS A 338 2.32 -35.20 -8.80
N TYR A 339 3.12 -35.52 -9.81
CA TYR A 339 3.52 -34.52 -10.78
C TYR A 339 2.34 -34.09 -11.65
N PHE A 340 1.40 -35.00 -11.92
CA PHE A 340 0.21 -34.62 -12.66
C PHE A 340 -0.65 -33.64 -11.86
N ILE A 341 -0.86 -33.92 -10.58
CA ILE A 341 -1.61 -33.00 -9.73
C ILE A 341 -0.86 -31.68 -9.62
N ARG A 342 0.48 -31.74 -9.52
CA ARG A 342 1.28 -30.52 -9.45
C ARG A 342 1.11 -29.69 -10.72
N ASP A 343 1.21 -30.33 -11.88
CA ASP A 343 1.06 -29.60 -13.13
C ASP A 343 -0.36 -29.04 -13.27
N GLU A 344 -1.36 -29.79 -12.81
CA GLU A 344 -2.73 -29.29 -12.86
C GLU A 344 -2.89 -28.05 -11.99
N PHE A 345 -2.36 -28.09 -10.77
CA PHE A 345 -2.45 -26.93 -9.89
C PHE A 345 -1.70 -25.74 -10.48
N LEU A 346 -0.56 -26.00 -11.14
CA LEU A 346 0.20 -24.91 -11.73
C LEU A 346 -0.57 -24.26 -12.88
N ARG A 347 -1.20 -25.07 -13.74
CA ARG A 347 -1.99 -24.51 -14.82
C ARG A 347 -3.07 -23.57 -14.30
N ILE A 348 -3.64 -23.90 -13.14
CA ILE A 348 -4.62 -23.02 -12.51
C ILE A 348 -3.92 -21.80 -11.91
N SER A 349 -2.68 -21.96 -11.45
CA SER A 349 -1.98 -20.87 -10.78
C SER A 349 -1.49 -19.83 -11.79
N THR A 350 -0.67 -20.25 -12.74
CA THR A 350 -0.08 -19.34 -13.72
C THR A 350 -1.08 -18.87 -14.78
N ALA A 351 -2.36 -19.20 -14.67
CA ALA A 351 -3.33 -18.75 -15.66
C ALA A 351 -3.48 -17.23 -15.63
N SER A 352 -3.44 -16.63 -14.45
CA SER A 352 -3.59 -15.19 -14.32
C SER A 352 -2.84 -14.74 -13.07
N GLY A 353 -1.82 -13.91 -13.26
CA GLY A 353 -1.03 -13.39 -12.15
C GLY A 353 -1.12 -11.88 -12.04
N ASP A 354 -2.32 -11.33 -12.22
CA ASP A 354 -2.47 -9.88 -12.19
C ASP A 354 -2.01 -9.30 -10.85
N GLY A 355 -2.49 -9.87 -9.74
CA GLY A 355 -2.11 -9.38 -8.43
C GLY A 355 -0.67 -9.68 -8.05
N ARG A 356 0.04 -10.47 -8.85
CA ARG A 356 1.43 -10.82 -8.61
C ARG A 356 1.59 -11.52 -7.25
N HIS A 357 0.95 -12.67 -7.14
CA HIS A 357 1.10 -13.55 -5.99
C HIS A 357 1.50 -14.94 -6.48
N TYR A 358 2.45 -15.53 -5.78
CA TYR A 358 3.10 -16.77 -6.22
C TYR A 358 2.56 -17.96 -5.46
N CYS A 359 2.78 -19.15 -6.04
CA CYS A 359 2.37 -20.41 -5.45
C CYS A 359 3.60 -21.28 -5.26
N TYR A 360 3.62 -22.06 -4.17
CA TYR A 360 4.75 -22.91 -3.81
C TYR A 360 4.24 -24.32 -3.59
N PRO A 361 4.28 -25.18 -4.62
CA PRO A 361 3.82 -26.57 -4.44
C PRO A 361 4.91 -27.40 -3.77
N HIS A 362 4.51 -28.17 -2.77
CA HIS A 362 5.42 -29.06 -2.05
C HIS A 362 4.81 -30.45 -1.97
N PHE A 363 5.63 -31.41 -1.55
CA PHE A 363 5.23 -32.80 -1.40
C PHE A 363 5.34 -33.21 0.05
N THR A 364 4.43 -34.07 0.50
CA THR A 364 4.44 -34.52 1.92
C THR A 364 5.31 -35.76 2.06
N CYS A 365 6.60 -35.66 1.70
CA CYS A 365 7.49 -36.84 1.70
C CYS A 365 8.26 -36.97 3.03
N ALA A 366 8.10 -36.03 3.96
CA ALA A 366 8.91 -36.08 5.21
C ALA A 366 8.02 -35.93 6.45
N VAL A 367 8.64 -36.01 7.63
CA VAL A 367 7.92 -35.85 8.89
C VAL A 367 7.53 -34.38 9.07
N ASP A 368 6.66 -34.11 10.04
CA ASP A 368 6.17 -32.74 10.23
C ASP A 368 7.31 -31.78 10.54
N THR A 369 8.28 -32.21 11.35
CA THR A 369 9.39 -31.33 11.71
C THR A 369 10.13 -30.81 10.47
N GLU A 370 10.10 -31.55 9.37
CA GLU A 370 10.71 -31.07 8.13
C GLU A 370 9.77 -30.14 7.39
N ASN A 371 8.46 -30.28 7.57
CA ASN A 371 7.51 -29.38 6.92
C ASN A 371 7.59 -27.98 7.50
N ILE A 372 7.90 -27.86 8.80
CA ILE A 372 8.03 -26.54 9.40
C ILE A 372 9.20 -25.79 8.78
N ARG A 373 10.29 -26.50 8.48
CA ARG A 373 11.41 -25.86 7.80
C ARG A 373 11.00 -25.37 6.43
N ARG A 374 10.14 -26.12 5.73
CA ARG A 374 9.68 -25.69 4.41
C ARG A 374 8.90 -24.39 4.51
N VAL A 375 7.88 -24.35 5.36
CA VAL A 375 7.07 -23.14 5.51
C VAL A 375 7.96 -21.96 5.88
N PHE A 376 9.00 -22.21 6.67
CA PHE A 376 9.92 -21.13 7.04
C PHE A 376 10.66 -20.61 5.80
N ASN A 377 11.14 -21.52 4.96
CA ASN A 377 11.85 -21.09 3.76
C ASN A 377 10.91 -20.41 2.77
N ASP A 378 9.67 -20.91 2.66
CA ASP A 378 8.71 -20.28 1.76
C ASP A 378 8.32 -18.89 2.26
N CYS A 379 8.05 -18.77 3.56
CA CYS A 379 7.70 -17.47 4.12
C CYS A 379 8.82 -16.47 3.90
N ARG A 380 10.07 -16.90 4.11
CA ARG A 380 11.20 -16.01 3.85
C ARG A 380 11.25 -15.59 2.39
N ASP A 381 11.00 -16.53 1.48
CA ASP A 381 11.02 -16.21 0.06
C ASP A 381 9.94 -15.19 -0.30
N ILE A 382 8.74 -15.38 0.23
CA ILE A 382 7.65 -14.45 -0.07
C ILE A 382 7.97 -13.06 0.46
N ILE A 383 8.52 -12.99 1.67
CA ILE A 383 8.86 -11.70 2.26
C ILE A 383 9.94 -11.02 1.44
N GLN A 384 10.95 -11.78 0.99
CA GLN A 384 12.02 -11.19 0.20
C GLN A 384 11.51 -10.69 -1.13
N ARG A 385 10.71 -11.50 -1.83
CA ARG A 385 10.14 -11.05 -3.10
C ARG A 385 9.35 -9.77 -2.92
N MET A 386 8.61 -9.64 -1.81
CA MET A 386 7.88 -8.41 -1.54
C MET A 386 8.82 -7.22 -1.43
N HIS A 387 9.93 -7.39 -0.70
CA HIS A 387 10.91 -6.31 -0.58
C HIS A 387 11.52 -5.98 -1.93
N LEU A 388 11.80 -7.00 -2.74
CA LEU A 388 12.35 -6.74 -4.07
C LEU A 388 11.40 -5.92 -4.91
N ARG A 389 10.10 -6.20 -4.84
CA ARG A 389 9.12 -5.43 -5.57
C ARG A 389 8.83 -4.08 -4.91
N GLN A 390 9.13 -3.93 -3.62
CA GLN A 390 8.97 -2.65 -2.95
C GLN A 390 10.03 -1.64 -3.38
N TYR A 391 11.15 -2.10 -3.92
CA TYR A 391 12.18 -1.22 -4.47
C TYR A 391 12.22 -1.25 -5.98
N GLU A 392 11.28 -1.95 -6.62
CA GLU A 392 11.19 -2.01 -8.08
C GLU A 392 12.46 -2.60 -8.70
N LEU A 393 12.82 -3.80 -8.24
CA LEU A 393 13.94 -4.53 -8.83
C LEU A 393 13.48 -5.66 -9.74
N LEU A 394 12.46 -6.41 -9.32
CA LEU A 394 11.93 -7.52 -10.11
C LEU A 394 10.92 -7.00 -11.14
N SER B 2 -46.03 -36.65 -4.79
CA SER B 2 -45.61 -36.73 -3.39
C SER B 2 -46.16 -35.55 -2.60
N GLU B 3 -46.18 -35.70 -1.27
CA GLU B 3 -46.68 -34.63 -0.41
C GLU B 3 -45.70 -33.46 -0.35
N LEU B 4 -44.40 -33.72 -0.53
CA LEU B 4 -43.41 -32.64 -0.49
C LEU B 4 -43.59 -31.70 -1.67
N ASP B 5 -43.88 -32.25 -2.85
CA ASP B 5 -44.12 -31.42 -4.03
C ASP B 5 -45.30 -30.49 -3.80
N GLN B 6 -46.34 -30.98 -3.11
CA GLN B 6 -47.48 -30.12 -2.78
C GLN B 6 -47.07 -29.02 -1.82
N LEU B 7 -46.21 -29.34 -0.85
CA LEU B 7 -45.69 -28.31 0.05
C LEU B 7 -44.94 -27.24 -0.74
N ARG B 8 -44.11 -27.67 -1.71
CA ARG B 8 -43.46 -26.70 -2.58
C ARG B 8 -44.48 -25.97 -3.43
N GLN B 9 -45.55 -26.65 -3.82
CA GLN B 9 -46.60 -26.01 -4.61
C GLN B 9 -47.31 -24.95 -3.80
N GLU B 10 -47.64 -25.24 -2.54
CA GLU B 10 -48.30 -24.25 -1.69
C GLU B 10 -47.41 -23.05 -1.44
N ALA B 11 -46.09 -23.24 -1.49
CA ALA B 11 -45.17 -22.13 -1.28
C ALA B 11 -45.12 -21.20 -2.49
N GLU B 12 -44.93 -21.77 -3.68
CA GLU B 12 -44.83 -20.94 -4.87
C GLU B 12 -46.12 -20.22 -5.18
N GLN B 13 -47.27 -20.86 -4.89
CA GLN B 13 -48.55 -20.19 -5.14
C GLN B 13 -48.80 -19.11 -4.11
N LEU B 14 -48.32 -19.29 -2.88
CA LEU B 14 -48.48 -18.26 -1.86
C LEU B 14 -47.55 -17.08 -2.12
N LYS B 15 -46.32 -17.35 -2.56
CA LYS B 15 -45.42 -16.28 -2.95
C LYS B 15 -46.03 -15.45 -4.08
N ASN B 16 -46.68 -16.11 -5.04
CA ASN B 16 -47.31 -15.38 -6.13
C ASN B 16 -48.43 -14.48 -5.61
N GLN B 17 -49.16 -14.94 -4.59
CA GLN B 17 -50.21 -14.12 -4.01
C GLN B 17 -49.62 -12.89 -3.33
N ILE B 18 -48.50 -13.07 -2.62
CA ILE B 18 -47.83 -11.93 -1.99
C ILE B 18 -47.34 -10.96 -3.04
N ARG B 19 -46.74 -11.48 -4.12
CA ARG B 19 -46.27 -10.61 -5.19
C ARG B 19 -47.42 -9.86 -5.84
N ASP B 20 -48.57 -10.53 -6.02
CA ASP B 20 -49.74 -9.85 -6.57
C ASP B 20 -50.24 -8.76 -5.63
N ALA B 21 -50.25 -9.04 -4.33
CA ALA B 21 -50.67 -8.03 -3.36
C ALA B 21 -49.71 -6.85 -3.34
N ARG B 22 -48.41 -7.11 -3.49
CA ARG B 22 -47.45 -6.01 -3.54
C ARG B 22 -47.64 -5.17 -4.79
N LYS B 23 -47.89 -5.79 -5.94
CA LYS B 23 -48.12 -5.05 -7.16
C LYS B 23 -49.49 -4.37 -7.14
N ALA B 24 -50.44 -4.91 -6.37
CA ALA B 24 -51.76 -4.29 -6.29
C ALA B 24 -51.70 -2.95 -5.58
N CYS B 25 -50.99 -2.89 -4.45
CA CYS B 25 -50.84 -1.64 -3.72
C CYS B 25 -49.78 -0.73 -4.32
N ALA B 26 -49.18 -1.11 -5.44
CA ALA B 26 -48.19 -0.28 -6.09
C ALA B 26 -48.85 0.89 -6.79
N ASP B 27 -48.16 2.04 -6.79
CA ASP B 27 -48.67 3.26 -7.41
C ASP B 27 -47.46 4.05 -7.89
N ALA B 28 -47.68 5.33 -8.20
CA ALA B 28 -46.58 6.20 -8.62
C ALA B 28 -45.50 6.21 -7.56
N THR B 29 -44.33 5.65 -7.89
CA THR B 29 -43.26 5.51 -6.91
C THR B 29 -42.67 6.88 -6.56
N LEU B 30 -41.70 6.86 -5.64
CA LEU B 30 -41.06 8.09 -5.18
C LEU B 30 -40.27 8.79 -6.27
N SER B 31 -40.08 8.16 -7.44
CA SER B 31 -39.22 8.74 -8.46
C SER B 31 -39.87 9.94 -9.12
N GLN B 32 -41.15 9.85 -9.46
CA GLN B 32 -41.84 10.89 -10.23
C GLN B 32 -42.71 11.81 -9.37
N ILE B 33 -42.94 11.48 -8.11
CA ILE B 33 -43.72 12.36 -7.23
C ILE B 33 -42.86 13.39 -6.51
N THR B 34 -41.54 13.30 -6.64
CA THR B 34 -40.61 14.27 -6.06
C THR B 34 -39.89 15.08 -7.13
N ASN B 35 -40.46 15.13 -8.34
CA ASN B 35 -39.82 15.87 -9.41
C ASN B 35 -39.73 17.36 -9.10
N ASN B 36 -40.79 17.91 -8.51
CA ASN B 36 -40.79 19.34 -8.16
C ASN B 36 -39.80 19.66 -7.06
N ILE B 37 -39.41 18.67 -6.24
CA ILE B 37 -38.43 18.92 -5.19
C ILE B 37 -37.08 19.22 -5.82
N ASP B 38 -36.52 20.37 -5.46
CA ASP B 38 -35.23 20.77 -6.00
C ASP B 38 -34.13 19.82 -5.54
N PRO B 39 -33.04 19.71 -6.29
CA PRO B 39 -31.94 18.84 -5.85
C PRO B 39 -31.24 19.40 -4.62
N VAL B 40 -30.58 18.50 -3.89
CA VAL B 40 -29.87 18.91 -2.68
C VAL B 40 -28.74 19.87 -3.02
N GLY B 41 -28.18 19.76 -4.22
CA GLY B 41 -27.13 20.65 -4.65
C GLY B 41 -25.75 20.06 -4.41
N ARG B 42 -24.78 20.52 -5.19
CA ARG B 42 -23.41 20.06 -5.05
C ARG B 42 -22.86 20.43 -3.68
N ILE B 43 -22.58 19.43 -2.86
CA ILE B 43 -22.00 19.64 -1.53
C ILE B 43 -20.61 19.01 -1.50
N GLN B 44 -19.74 19.60 -0.71
CA GLN B 44 -18.38 19.11 -0.50
C GLN B 44 -18.25 18.57 0.92
N MET B 45 -17.26 17.70 1.10
CA MET B 45 -17.02 17.04 2.39
C MET B 45 -15.52 17.04 2.62
N ARG B 46 -15.07 17.92 3.52
CA ARG B 46 -13.65 18.08 3.80
C ARG B 46 -13.24 17.15 4.95
N THR B 47 -12.07 16.55 4.82
CA THR B 47 -11.52 15.68 5.87
C THR B 47 -10.95 16.57 6.97
N ARG B 48 -11.68 16.67 8.08
CA ARG B 48 -11.24 17.53 9.19
C ARG B 48 -10.15 16.84 10.01
N ARG B 49 -10.41 15.60 10.43
CA ARG B 49 -9.47 14.84 11.25
C ARG B 49 -9.02 13.59 10.50
N THR B 50 -7.97 12.98 11.01
CA THR B 50 -7.45 11.72 10.46
C THR B 50 -6.95 10.89 11.63
N LEU B 51 -7.81 10.02 12.15
CA LEU B 51 -7.49 9.21 13.32
C LEU B 51 -6.58 8.07 12.88
N ARG B 52 -5.28 8.24 13.11
CA ARG B 52 -4.29 7.23 12.79
C ARG B 52 -3.69 6.67 14.08
N GLY B 53 -3.11 5.47 13.96
CA GLY B 53 -2.52 4.79 15.10
C GLY B 53 -2.73 3.30 15.06
N HIS B 54 -3.62 2.83 14.19
CA HIS B 54 -3.87 1.42 14.04
C HIS B 54 -2.75 0.76 13.22
N LEU B 55 -2.75 -0.57 13.22
CA LEU B 55 -1.75 -1.35 12.50
C LEU B 55 -2.35 -2.14 11.35
N ALA B 56 -3.41 -2.90 11.60
CA ALA B 56 -4.06 -3.71 10.59
C ALA B 56 -5.29 -2.99 10.05
N LYS B 57 -6.04 -3.69 9.20
CA LYS B 57 -7.22 -3.12 8.58
C LYS B 57 -8.35 -2.95 9.60
N ILE B 58 -9.01 -1.79 9.55
CA ILE B 58 -10.16 -1.54 10.40
C ILE B 58 -11.37 -2.25 9.81
N TYR B 59 -12.25 -2.75 10.67
CA TYR B 59 -13.42 -3.50 10.23
C TYR B 59 -14.75 -2.96 10.74
N ALA B 60 -14.79 -2.25 11.85
CA ALA B 60 -16.05 -1.76 12.39
C ALA B 60 -15.80 -0.53 13.26
N MET B 61 -16.86 0.22 13.50
CA MET B 61 -16.80 1.40 14.35
C MET B 61 -18.20 1.72 14.84
N HIS B 62 -18.28 2.57 15.85
CA HIS B 62 -19.58 2.96 16.42
C HIS B 62 -19.40 4.22 17.25
N TRP B 63 -20.28 5.19 17.02
CA TRP B 63 -20.30 6.41 17.81
C TRP B 63 -20.98 6.16 19.16
N GLY B 64 -21.12 7.23 19.95
CA GLY B 64 -21.81 7.16 21.22
C GLY B 64 -22.85 8.26 21.33
N THR B 65 -23.60 8.20 22.43
CA THR B 65 -24.60 9.23 22.69
C THR B 65 -23.97 10.60 22.81
N ASP B 66 -22.75 10.67 23.35
CA ASP B 66 -22.04 11.94 23.46
C ASP B 66 -21.70 12.52 22.09
N SER B 67 -21.60 11.68 21.07
CA SER B 67 -21.30 12.13 19.70
C SER B 67 -19.91 12.73 19.59
N ARG B 68 -19.02 12.38 20.52
CA ARG B 68 -17.63 12.82 20.46
C ARG B 68 -16.63 11.69 20.69
N LEU B 69 -17.02 10.60 21.33
CA LEU B 69 -16.17 9.44 21.52
C LEU B 69 -16.63 8.31 20.62
N LEU B 70 -15.68 7.64 19.97
CA LEU B 70 -15.97 6.55 19.05
C LEU B 70 -15.01 5.41 19.32
N VAL B 71 -15.50 4.19 19.14
CA VAL B 71 -14.72 2.97 19.33
C VAL B 71 -14.49 2.34 17.96
N SER B 72 -13.29 1.80 17.75
CA SER B 72 -12.93 1.15 16.49
C SER B 72 -12.21 -0.15 16.80
N ALA B 73 -12.34 -1.09 15.87
CA ALA B 73 -11.73 -2.40 16.00
C ALA B 73 -10.87 -2.69 14.78
N SER B 74 -9.69 -3.27 15.01
CA SER B 74 -8.76 -3.60 13.95
C SER B 74 -8.39 -5.08 14.05
N GLN B 75 -7.97 -5.63 12.90
CA GLN B 75 -7.61 -7.05 12.84
C GLN B 75 -6.28 -7.35 13.52
N ASP B 76 -5.55 -6.33 13.98
CA ASP B 76 -4.30 -6.54 14.69
C ASP B 76 -4.51 -6.93 16.15
N GLY B 77 -5.76 -7.05 16.60
CA GLY B 77 -6.02 -7.40 17.98
C GLY B 77 -6.08 -6.22 18.94
N LYS B 78 -6.61 -5.09 18.50
CA LYS B 78 -6.73 -3.90 19.33
C LYS B 78 -8.13 -3.31 19.18
N LEU B 79 -8.61 -2.72 20.28
CA LEU B 79 -9.91 -2.06 20.33
C LEU B 79 -9.70 -0.70 20.99
N ILE B 80 -9.52 0.33 20.17
CA ILE B 80 -9.13 1.66 20.64
C ILE B 80 -10.37 2.55 20.64
N ILE B 81 -10.57 3.28 21.74
CA ILE B 81 -11.64 4.25 21.87
C ILE B 81 -11.02 5.64 21.73
N TRP B 82 -11.40 6.35 20.67
CA TRP B 82 -10.81 7.63 20.32
C TRP B 82 -11.68 8.78 20.78
N ASP B 83 -11.07 9.96 20.85
CA ASP B 83 -11.76 11.21 21.14
C ASP B 83 -11.76 12.04 19.85
N SER B 84 -12.91 12.06 19.16
CA SER B 84 -12.97 12.69 17.85
C SER B 84 -12.65 14.18 17.91
N TYR B 85 -12.92 14.85 19.02
CA TYR B 85 -12.68 16.29 19.11
C TYR B 85 -11.20 16.59 19.24
N THR B 86 -10.51 15.90 20.14
CA THR B 86 -9.09 16.13 20.38
C THR B 86 -8.19 15.09 19.72
N THR B 87 -8.76 14.04 19.14
CA THR B 87 -7.98 13.00 18.45
C THR B 87 -6.97 12.35 19.40
N ASN B 88 -7.45 11.99 20.59
CA ASN B 88 -6.64 11.33 21.60
C ASN B 88 -7.25 9.98 21.93
N LYS B 89 -6.40 8.94 21.97
CA LYS B 89 -6.86 7.58 22.28
C LYS B 89 -7.18 7.50 23.76
N VAL B 90 -8.47 7.54 24.10
CA VAL B 90 -8.88 7.49 25.49
C VAL B 90 -8.57 6.11 26.08
N HIS B 91 -8.73 5.06 25.28
CA HIS B 91 -8.48 3.70 25.74
C HIS B 91 -7.95 2.87 24.58
N ALA B 92 -7.21 1.82 24.92
CA ALA B 92 -6.69 0.88 23.94
C ALA B 92 -6.71 -0.50 24.57
N ILE B 93 -7.72 -1.29 24.23
CA ILE B 93 -7.95 -2.60 24.85
C ILE B 93 -7.37 -3.67 23.94
N PRO B 94 -6.47 -4.52 24.43
CA PRO B 94 -6.01 -5.64 23.61
C PRO B 94 -7.02 -6.77 23.61
N LEU B 95 -7.21 -7.36 22.43
CA LEU B 95 -8.20 -8.41 22.22
C LEU B 95 -7.55 -9.78 22.34
N ARG B 96 -8.26 -10.69 23.01
CA ARG B 96 -7.77 -12.06 23.13
C ARG B 96 -7.73 -12.77 21.79
N SER B 97 -8.50 -12.30 20.81
CA SER B 97 -8.48 -12.84 19.46
C SER B 97 -8.17 -11.72 18.49
N SER B 98 -7.17 -11.95 17.63
CA SER B 98 -6.75 -10.90 16.69
C SER B 98 -7.82 -10.63 15.64
N TRP B 99 -8.66 -11.62 15.33
CA TRP B 99 -9.68 -11.49 14.30
C TRP B 99 -10.95 -10.94 14.93
N VAL B 100 -11.24 -9.66 14.67
CA VAL B 100 -12.45 -9.00 15.14
C VAL B 100 -13.13 -8.36 13.95
N MET B 101 -14.45 -8.54 13.84
CA MET B 101 -15.21 -8.05 12.71
C MET B 101 -16.32 -7.09 13.08
N THR B 102 -16.61 -6.91 14.38
CA THR B 102 -17.68 -6.02 14.79
C THR B 102 -17.36 -5.47 16.17
N CYS B 103 -17.72 -4.20 16.39
CA CYS B 103 -17.59 -3.56 17.68
C CYS B 103 -18.82 -2.67 17.92
N ALA B 104 -19.26 -2.63 19.17
CA ALA B 104 -20.45 -1.87 19.54
C ALA B 104 -20.11 -0.95 20.70
N TYR B 105 -20.98 0.03 20.91
CA TYR B 105 -20.83 1.00 22.00
C TYR B 105 -22.20 1.19 22.64
N ALA B 106 -22.38 0.66 23.85
CA ALA B 106 -23.65 0.78 24.54
C ALA B 106 -24.04 2.26 24.66
N PRO B 107 -25.34 2.56 24.68
CA PRO B 107 -25.76 3.96 24.78
C PRO B 107 -25.70 4.49 26.21
N SER B 108 -24.60 4.22 26.90
CA SER B 108 -24.39 4.73 28.24
C SER B 108 -22.93 5.05 28.54
N GLY B 109 -22.02 4.87 27.58
CA GLY B 109 -20.62 5.09 27.84
C GLY B 109 -20.06 4.22 28.95
N ASN B 110 -20.56 3.00 29.09
CA ASN B 110 -20.15 2.09 30.16
C ASN B 110 -19.58 0.78 29.65
N TYR B 111 -20.20 0.17 28.64
CA TYR B 111 -19.80 -1.13 28.14
C TYR B 111 -19.43 -1.04 26.66
N VAL B 112 -18.65 -2.03 26.21
CA VAL B 112 -18.20 -2.10 24.82
C VAL B 112 -18.13 -3.57 24.43
N ALA B 113 -18.82 -3.93 23.36
CA ALA B 113 -18.85 -5.31 22.87
C ALA B 113 -18.04 -5.43 21.58
N CYS B 114 -17.60 -6.65 21.29
CA CYS B 114 -16.84 -6.92 20.09
C CYS B 114 -16.88 -8.41 19.78
N GLY B 115 -16.80 -8.75 18.49
CA GLY B 115 -16.81 -10.14 18.07
C GLY B 115 -16.08 -10.29 16.75
N GLY B 116 -15.85 -11.54 16.38
CA GLY B 116 -15.16 -11.85 15.14
C GLY B 116 -15.20 -13.32 14.78
N LEU B 117 -14.08 -13.84 14.26
CA LEU B 117 -14.03 -15.25 13.90
C LEU B 117 -14.40 -16.13 15.09
N ASP B 118 -13.88 -15.82 16.26
CA ASP B 118 -14.26 -16.57 17.46
C ASP B 118 -15.74 -16.35 17.76
N ASN B 119 -16.45 -17.44 18.00
CA ASN B 119 -17.88 -17.37 18.26
C ASN B 119 -18.22 -16.63 19.55
N ILE B 120 -17.22 -16.32 20.38
CA ILE B 120 -17.49 -15.64 21.64
C ILE B 120 -17.59 -14.14 21.40
N CYS B 121 -18.48 -13.50 22.14
CA CYS B 121 -18.67 -12.05 22.09
C CYS B 121 -18.20 -11.46 23.41
N SER B 122 -17.10 -10.72 23.36
CA SER B 122 -16.50 -10.16 24.57
C SER B 122 -17.07 -8.78 24.85
N ILE B 123 -17.57 -8.59 26.07
CA ILE B 123 -18.09 -7.31 26.53
C ILE B 123 -17.16 -6.79 27.60
N TYR B 124 -16.62 -5.59 27.38
CA TYR B 124 -15.67 -4.97 28.30
C TYR B 124 -16.33 -3.79 29.00
N ASN B 125 -16.00 -3.62 30.28
CA ASN B 125 -16.51 -2.51 31.08
C ASN B 125 -15.51 -1.36 31.03
N LEU B 126 -16.03 -0.15 30.82
CA LEU B 126 -15.19 1.04 30.71
C LEU B 126 -15.03 1.72 32.07
N LYS B 127 -16.15 2.02 32.73
CA LYS B 127 -16.13 2.73 34.02
C LYS B 127 -15.80 1.76 35.16
N THR B 128 -14.65 1.12 35.04
CA THR B 128 -14.19 0.19 36.07
C THR B 128 -13.60 0.96 37.24
N ARG B 129 -13.78 0.40 38.45
CA ARG B 129 -13.24 1.05 39.64
C ARG B 129 -11.72 1.16 39.56
N GLU B 130 -11.06 0.14 39.02
CA GLU B 130 -9.62 0.18 38.83
C GLU B 130 -9.28 0.79 37.47
N GLY B 131 -8.00 1.09 37.29
CA GLY B 131 -7.57 1.69 36.04
C GLY B 131 -7.71 0.76 34.86
N ASN B 132 -7.40 -0.53 35.05
CA ASN B 132 -7.48 -1.48 33.96
C ASN B 132 -8.93 -1.72 33.55
N VAL B 133 -9.13 -2.04 32.28
CA VAL B 133 -10.43 -2.37 31.73
C VAL B 133 -10.38 -3.84 31.32
N ARG B 134 -10.94 -4.72 32.14
CA ARG B 134 -10.88 -6.15 31.92
C ARG B 134 -12.15 -6.65 31.24
N VAL B 135 -12.20 -7.96 31.03
CA VAL B 135 -13.35 -8.59 30.37
C VAL B 135 -14.48 -8.71 31.38
N SER B 136 -15.61 -8.06 31.07
CA SER B 136 -16.76 -8.13 31.97
C SER B 136 -17.54 -9.43 31.78
N ARG B 137 -17.73 -9.85 30.54
CA ARG B 137 -18.47 -11.07 30.25
C ARG B 137 -18.09 -11.56 28.85
N GLU B 138 -18.17 -12.88 28.67
CA GLU B 138 -17.84 -13.52 27.39
C GLU B 138 -19.06 -14.34 26.97
N LEU B 139 -19.86 -13.80 26.06
CA LEU B 139 -21.06 -14.48 25.58
C LEU B 139 -20.65 -15.57 24.59
N ALA B 140 -21.00 -16.82 24.91
CA ALA B 140 -20.67 -17.96 24.07
C ALA B 140 -21.92 -18.78 23.82
N GLY B 141 -21.92 -19.52 22.71
CA GLY B 141 -23.05 -20.33 22.32
C GLY B 141 -23.30 -20.32 20.83
N HIS B 142 -22.85 -19.28 20.15
CA HIS B 142 -23.03 -19.19 18.70
C HIS B 142 -22.15 -20.22 18.00
N THR B 143 -22.62 -20.69 16.85
CA THR B 143 -21.91 -21.68 16.06
C THR B 143 -21.25 -21.08 14.82
N GLY B 144 -21.32 -19.76 14.65
CA GLY B 144 -20.72 -19.12 13.49
C GLY B 144 -20.04 -17.82 13.89
N TYR B 145 -19.23 -17.31 12.95
CA TYR B 145 -18.51 -16.07 13.20
C TYR B 145 -19.48 -14.92 13.44
N LEU B 146 -19.16 -14.07 14.41
CA LEU B 146 -19.97 -12.90 14.67
C LEU B 146 -19.70 -11.82 13.63
N SER B 147 -20.76 -11.30 13.02
CA SER B 147 -20.65 -10.30 11.97
C SER B 147 -21.06 -8.90 12.41
N CYS B 148 -22.00 -8.78 13.34
CA CYS B 148 -22.44 -7.48 13.82
C CYS B 148 -23.19 -7.65 15.12
N CYS B 149 -22.90 -6.79 16.09
CA CYS B 149 -23.58 -6.78 17.38
C CYS B 149 -23.94 -5.36 17.74
N ARG B 150 -25.12 -5.18 18.32
CA ARG B 150 -25.59 -3.87 18.76
C ARG B 150 -26.13 -3.97 20.17
N PHE B 151 -26.11 -2.84 20.88
CA PHE B 151 -26.54 -2.78 22.28
C PHE B 151 -27.95 -2.22 22.36
N LEU B 152 -28.84 -2.99 22.97
CA LEU B 152 -30.20 -2.50 23.24
C LEU B 152 -30.23 -1.69 24.53
N ASP B 153 -29.53 -2.12 25.55
CA ASP B 153 -29.41 -1.40 26.82
C ASP B 153 -28.22 -1.98 27.57
N ASP B 154 -28.08 -1.60 28.84
CA ASP B 154 -27.01 -2.11 29.69
C ASP B 154 -27.31 -3.49 30.26
N ASN B 155 -28.38 -4.14 29.80
CA ASN B 155 -28.76 -5.45 30.31
C ASN B 155 -28.94 -6.45 29.17
N GLN B 156 -29.32 -5.97 27.99
CA GLN B 156 -29.57 -6.81 26.84
C GLN B 156 -28.64 -6.42 25.69
N ILE B 157 -28.39 -7.38 24.81
CA ILE B 157 -27.53 -7.17 23.65
C ILE B 157 -27.95 -8.14 22.56
N VAL B 158 -28.11 -7.63 21.34
CA VAL B 158 -28.48 -8.44 20.19
C VAL B 158 -27.27 -8.58 19.29
N THR B 159 -26.99 -9.81 18.86
CA THR B 159 -25.81 -10.11 18.06
C THR B 159 -26.20 -10.91 16.82
N SER B 160 -25.39 -10.78 15.77
CA SER B 160 -25.52 -11.55 14.55
C SER B 160 -24.31 -12.45 14.39
N SER B 161 -24.54 -13.67 13.91
CA SER B 161 -23.50 -14.68 13.80
C SER B 161 -23.47 -15.25 12.39
N GLY B 162 -22.38 -15.96 12.09
CA GLY B 162 -22.29 -16.63 10.81
C GLY B 162 -23.45 -17.58 10.57
N ASP B 163 -23.87 -18.29 11.61
CA ASP B 163 -25.08 -19.09 11.53
C ASP B 163 -26.29 -18.19 11.37
N THR B 164 -27.31 -18.69 10.67
CA THR B 164 -28.48 -17.88 10.38
C THR B 164 -29.12 -17.36 11.67
N THR B 165 -28.96 -18.08 12.77
CA THR B 165 -29.62 -17.71 14.02
C THR B 165 -29.06 -16.40 14.56
N CYS B 166 -29.95 -15.44 14.77
CA CYS B 166 -29.63 -14.20 15.48
C CYS B 166 -30.18 -14.29 16.89
N ALA B 167 -29.30 -14.10 17.88
CA ALA B 167 -29.63 -14.33 19.28
C ALA B 167 -29.65 -13.02 20.04
N LEU B 168 -30.64 -12.88 20.93
CA LEU B 168 -30.73 -11.75 21.85
C LEU B 168 -30.28 -12.24 23.23
N TRP B 169 -29.16 -11.73 23.71
CA TRP B 169 -28.53 -12.23 24.92
C TRP B 169 -28.92 -11.40 26.13
N ASP B 170 -28.50 -11.88 27.30
CA ASP B 170 -28.69 -11.19 28.57
C ASP B 170 -27.33 -11.14 29.26
N ILE B 171 -26.77 -9.94 29.39
CA ILE B 171 -25.40 -9.81 29.92
C ILE B 171 -25.34 -10.30 31.35
N GLU B 172 -26.39 -10.08 32.13
CA GLU B 172 -26.37 -10.50 33.53
C GLU B 172 -26.36 -12.02 33.65
N THR B 173 -27.34 -12.68 33.03
CA THR B 173 -27.41 -14.14 33.09
C THR B 173 -26.42 -14.83 32.16
N GLY B 174 -25.98 -14.14 31.11
CA GLY B 174 -24.99 -14.71 30.21
C GLY B 174 -25.51 -15.83 29.33
N GLN B 175 -26.82 -15.97 29.19
CA GLN B 175 -27.42 -17.00 28.37
C GLN B 175 -28.37 -16.38 27.37
N GLN B 176 -28.57 -17.06 26.24
CA GLN B 176 -29.42 -16.53 25.19
C GLN B 176 -30.88 -16.50 25.65
N THR B 177 -31.52 -15.35 25.46
CA THR B 177 -32.94 -15.18 25.82
C THR B 177 -33.87 -15.45 24.64
N THR B 178 -33.46 -15.07 23.43
CA THR B 178 -34.23 -15.33 22.22
C THR B 178 -33.27 -15.61 21.08
N THR B 179 -33.67 -16.51 20.18
CA THR B 179 -32.84 -16.94 19.06
C THR B 179 -33.65 -16.77 17.77
N PHE B 180 -33.53 -15.60 17.15
CA PHE B 180 -34.20 -15.36 15.88
C PHE B 180 -33.54 -16.18 14.79
N THR B 181 -34.36 -16.93 14.04
CA THR B 181 -33.85 -17.81 13.00
C THR B 181 -34.80 -17.78 11.81
N GLY B 182 -34.38 -18.43 10.73
CA GLY B 182 -35.15 -18.49 9.52
C GLY B 182 -34.63 -17.66 8.36
N HIS B 183 -33.36 -17.24 8.40
CA HIS B 183 -32.78 -16.45 7.33
C HIS B 183 -32.19 -17.30 6.22
N THR B 184 -31.71 -18.50 6.53
CA THR B 184 -31.19 -19.46 5.54
C THR B 184 -29.81 -18.98 5.10
N GLY B 185 -29.31 -17.84 5.58
CA GLY B 185 -27.99 -17.39 5.21
C GLY B 185 -27.23 -16.79 6.37
N ASP B 186 -25.94 -16.50 6.18
CA ASP B 186 -25.15 -15.88 7.23
C ASP B 186 -25.48 -14.40 7.32
N VAL B 187 -26.08 -13.99 8.44
CA VAL B 187 -26.51 -12.60 8.62
C VAL B 187 -25.27 -11.72 8.69
N MET B 188 -25.13 -10.82 7.72
CA MET B 188 -23.94 -9.97 7.65
C MET B 188 -24.02 -8.80 8.62
N SER B 189 -25.21 -8.25 8.85
CA SER B 189 -25.34 -7.09 9.72
C SER B 189 -26.81 -6.94 10.12
N LEU B 190 -27.06 -6.01 11.03
CA LEU B 190 -28.40 -5.71 11.52
C LEU B 190 -28.50 -4.23 11.80
N SER B 191 -29.72 -3.78 12.09
CA SER B 191 -29.98 -2.37 12.37
C SER B 191 -31.11 -2.27 13.38
N LEU B 192 -30.87 -1.54 14.46
CA LEU B 192 -31.86 -1.35 15.51
C LEU B 192 -32.71 -0.12 15.21
N ALA B 193 -34.03 -0.29 15.29
CA ALA B 193 -34.92 0.84 15.07
C ALA B 193 -34.77 1.85 16.19
N PRO B 194 -35.06 3.13 15.93
CA PRO B 194 -34.92 4.15 17.00
C PRO B 194 -35.81 3.89 18.20
N ASP B 195 -36.91 3.16 18.03
CA ASP B 195 -37.82 2.85 19.12
C ASP B 195 -37.44 1.58 19.87
N THR B 196 -36.43 0.85 19.39
CA THR B 196 -35.92 -0.34 20.08
C THR B 196 -37.01 -1.39 20.29
N ARG B 197 -37.97 -1.46 19.37
CA ARG B 197 -38.97 -2.52 19.37
C ARG B 197 -38.76 -3.54 18.28
N LEU B 198 -38.32 -3.12 17.09
CA LEU B 198 -38.08 -4.00 15.97
C LEU B 198 -36.68 -3.74 15.42
N PHE B 199 -36.18 -4.70 14.66
CA PHE B 199 -34.85 -4.57 14.07
C PHE B 199 -34.78 -5.44 12.81
N VAL B 200 -34.10 -4.93 11.80
CA VAL B 200 -33.95 -5.63 10.54
C VAL B 200 -32.57 -6.28 10.50
N SER B 201 -32.40 -7.22 9.57
CA SER B 201 -31.13 -7.93 9.43
C SER B 201 -30.96 -8.32 7.97
N GLY B 202 -29.75 -8.15 7.46
CA GLY B 202 -29.42 -8.51 6.09
C GLY B 202 -28.43 -9.67 6.06
N ALA B 203 -28.76 -10.66 5.25
CA ALA B 203 -27.93 -11.86 5.10
C ALA B 203 -27.44 -11.95 3.65
N CYS B 204 -26.75 -13.05 3.34
CA CYS B 204 -26.18 -13.28 2.03
C CYS B 204 -27.14 -13.99 1.08
N ASP B 205 -28.44 -13.96 1.37
CA ASP B 205 -29.45 -14.56 0.49
C ASP B 205 -30.29 -13.50 -0.22
N ALA B 206 -29.76 -12.27 -0.33
CA ALA B 206 -30.47 -11.18 -1.01
C ALA B 206 -31.84 -10.92 -0.40
N SER B 207 -31.94 -11.01 0.93
CA SER B 207 -33.20 -10.80 1.62
C SER B 207 -32.95 -10.04 2.92
N ALA B 208 -33.98 -9.34 3.37
CA ALA B 208 -33.93 -8.59 4.63
C ALA B 208 -35.17 -8.95 5.44
N LYS B 209 -34.96 -9.37 6.68
CA LYS B 209 -36.04 -9.81 7.55
C LYS B 209 -36.19 -8.85 8.72
N LEU B 210 -37.44 -8.52 9.04
CA LEU B 210 -37.75 -7.65 10.18
C LEU B 210 -38.22 -8.51 11.34
N TRP B 211 -37.54 -8.39 12.48
CA TRP B 211 -37.82 -9.19 13.66
C TRP B 211 -38.23 -8.26 14.81
N ASP B 212 -39.20 -8.71 15.61
CA ASP B 212 -39.58 -7.99 16.81
C ASP B 212 -38.76 -8.52 17.98
N VAL B 213 -38.20 -7.61 18.79
CA VAL B 213 -37.31 -8.04 19.87
C VAL B 213 -38.07 -8.79 20.93
N ARG B 214 -39.32 -8.38 21.21
CA ARG B 214 -40.09 -9.03 22.26
C ARG B 214 -40.40 -10.49 21.90
N GLU B 215 -40.95 -10.71 20.71
CA GLU B 215 -41.21 -12.06 20.24
C GLU B 215 -40.00 -12.56 19.44
N GLY B 216 -40.18 -13.68 18.74
CA GLY B 216 -39.13 -14.23 17.90
C GLY B 216 -39.57 -14.44 16.47
N MET B 217 -40.77 -13.99 16.14
CA MET B 217 -41.33 -14.17 14.80
C MET B 217 -40.96 -12.98 13.93
N CYS B 218 -40.56 -13.26 12.69
CA CYS B 218 -40.27 -12.19 11.75
C CYS B 218 -41.58 -11.58 11.24
N ARG B 219 -41.62 -10.25 11.18
CA ARG B 219 -42.84 -9.57 10.77
C ARG B 219 -43.01 -9.57 9.26
N GLN B 220 -41.97 -9.18 8.53
CA GLN B 220 -42.02 -9.07 7.08
C GLN B 220 -40.75 -9.67 6.49
N THR B 221 -40.66 -9.62 5.16
CA THR B 221 -39.48 -10.14 4.46
C THR B 221 -39.36 -9.40 3.14
N PHE B 222 -38.28 -8.65 2.97
CA PHE B 222 -38.03 -7.86 1.77
C PHE B 222 -36.94 -8.56 0.97
N THR B 223 -37.30 -9.05 -0.22
CA THR B 223 -36.37 -9.75 -1.11
C THR B 223 -36.48 -9.11 -2.49
N GLY B 224 -35.69 -8.07 -2.71
CA GLY B 224 -35.67 -7.39 -3.99
C GLY B 224 -34.26 -6.99 -4.40
N HIS B 225 -33.27 -7.53 -3.72
CA HIS B 225 -31.88 -7.22 -4.01
C HIS B 225 -31.36 -8.15 -5.10
N GLU B 226 -30.07 -8.04 -5.42
CA GLU B 226 -29.46 -8.81 -6.50
C GLU B 226 -28.44 -9.83 -6.01
N SER B 227 -27.77 -9.58 -4.90
CA SER B 227 -26.75 -10.49 -4.38
C SER B 227 -26.74 -10.37 -2.86
N ASP B 228 -25.70 -10.91 -2.23
CA ASP B 228 -25.59 -10.89 -0.78
C ASP B 228 -25.61 -9.45 -0.26
N ILE B 229 -26.41 -9.21 0.77
CA ILE B 229 -26.49 -7.90 1.40
C ILE B 229 -25.40 -7.80 2.45
N ASN B 230 -24.60 -6.73 2.38
CA ASN B 230 -23.49 -6.54 3.29
C ASN B 230 -23.78 -5.54 4.41
N ALA B 231 -24.56 -4.50 4.12
CA ALA B 231 -24.85 -3.45 5.10
C ALA B 231 -26.32 -3.11 5.07
N ILE B 232 -26.81 -2.61 6.21
CA ILE B 232 -28.21 -2.23 6.35
C ILE B 232 -28.32 -1.22 7.50
N CYS B 233 -29.10 -0.16 7.28
CA CYS B 233 -29.30 0.86 8.29
C CYS B 233 -30.75 1.32 8.26
N PHE B 234 -31.26 1.71 9.44
CA PHE B 234 -32.63 2.15 9.56
C PHE B 234 -32.76 3.63 9.20
N PHE B 235 -33.85 3.97 8.52
CA PHE B 235 -34.17 5.38 8.32
C PHE B 235 -34.45 6.02 9.67
N PRO B 236 -34.02 7.27 9.88
CA PRO B 236 -34.18 7.88 11.22
C PRO B 236 -35.60 8.33 11.51
N ASN B 237 -36.58 7.48 11.20
CA ASN B 237 -37.96 7.71 11.60
C ASN B 237 -38.67 6.44 12.06
N GLY B 238 -38.01 5.28 12.00
CA GLY B 238 -38.65 4.05 12.42
C GLY B 238 -39.70 3.53 11.47
N ASN B 239 -39.63 3.90 10.18
CA ASN B 239 -40.62 3.49 9.20
C ASN B 239 -40.03 2.98 7.90
N ALA B 240 -38.71 3.05 7.73
CA ALA B 240 -38.06 2.58 6.51
C ALA B 240 -36.60 2.31 6.81
N PHE B 241 -35.92 1.70 5.84
CA PHE B 241 -34.51 1.36 5.97
C PHE B 241 -33.92 1.22 4.58
N ALA B 242 -32.58 1.16 4.54
CA ALA B 242 -31.83 1.02 3.30
C ALA B 242 -30.87 -0.14 3.42
N THR B 243 -30.55 -0.77 2.29
CA THR B 243 -29.68 -1.93 2.25
C THR B 243 -28.67 -1.77 1.12
N GLY B 244 -27.59 -2.55 1.21
CA GLY B 244 -26.56 -2.57 0.20
C GLY B 244 -26.00 -3.95 -0.05
N SER B 245 -25.83 -4.32 -1.31
CA SER B 245 -25.33 -5.64 -1.67
C SER B 245 -24.03 -5.52 -2.46
N ASP B 246 -23.50 -6.65 -2.92
CA ASP B 246 -22.27 -6.66 -3.72
C ASP B 246 -22.57 -6.46 -5.20
N ASP B 247 -23.36 -5.42 -5.50
CA ASP B 247 -23.73 -5.11 -6.87
C ASP B 247 -23.73 -3.61 -7.14
N ALA B 248 -23.23 -2.80 -6.21
CA ALA B 248 -23.27 -1.34 -6.35
C ALA B 248 -24.70 -0.86 -6.54
N THR B 249 -25.62 -1.44 -5.76
CA THR B 249 -27.04 -1.13 -5.86
C THR B 249 -27.59 -1.01 -4.44
N CYS B 250 -27.95 0.22 -4.04
CA CYS B 250 -28.62 0.44 -2.78
C CYS B 250 -30.13 0.40 -2.99
N ARG B 251 -30.84 -0.15 -2.00
CA ARG B 251 -32.28 -0.31 -2.08
C ARG B 251 -32.91 0.32 -0.84
N LEU B 252 -33.92 1.15 -1.05
CA LEU B 252 -34.65 1.80 0.04
C LEU B 252 -36.01 1.12 0.18
N PHE B 253 -36.13 0.27 1.20
CA PHE B 253 -37.36 -0.46 1.46
C PHE B 253 -38.18 0.27 2.51
N ASP B 254 -39.50 0.11 2.44
CA ASP B 254 -40.44 0.69 3.39
C ASP B 254 -41.14 -0.42 4.15
N LEU B 255 -41.47 -0.14 5.42
CA LEU B 255 -42.09 -1.14 6.27
C LEU B 255 -43.55 -1.36 5.88
N ARG B 256 -44.33 -0.28 5.79
CA ARG B 256 -45.76 -0.41 5.53
C ARG B 256 -46.02 -0.83 4.08
N ALA B 257 -45.21 -0.38 3.14
CA ALA B 257 -45.42 -0.72 1.73
C ALA B 257 -45.03 -2.16 1.42
N ASP B 258 -44.05 -2.72 2.15
CA ASP B 258 -43.63 -4.10 1.95
C ASP B 258 -42.98 -4.30 0.58
N GLN B 259 -42.31 -3.26 0.07
CA GLN B 259 -41.64 -3.36 -1.21
C GLN B 259 -40.61 -2.23 -1.29
N GLU B 260 -39.78 -2.29 -2.33
CA GLU B 260 -38.74 -1.29 -2.52
C GLU B 260 -39.35 0.02 -3.00
N LEU B 261 -38.65 1.12 -2.70
CA LEU B 261 -39.06 2.45 -3.11
C LEU B 261 -38.15 3.05 -4.16
N MET B 262 -36.83 2.90 -4.01
CA MET B 262 -35.87 3.45 -4.94
C MET B 262 -34.65 2.54 -5.02
N THR B 263 -33.96 2.60 -6.15
CA THR B 263 -32.71 1.91 -6.36
C THR B 263 -31.65 2.92 -6.76
N TYR B 264 -30.50 2.90 -6.09
CA TYR B 264 -29.41 3.85 -6.32
C TYR B 264 -28.25 3.09 -6.94
N SER B 265 -27.98 3.36 -8.21
CA SER B 265 -26.88 2.70 -8.91
C SER B 265 -26.62 3.43 -10.21
N HIS B 266 -25.36 3.71 -10.50
CA HIS B 266 -24.96 4.35 -11.74
C HIS B 266 -24.61 3.27 -12.77
N ASP B 267 -24.08 3.69 -13.92
CA ASP B 267 -23.73 2.77 -15.00
C ASP B 267 -22.23 2.69 -15.24
N ASN B 268 -21.41 3.33 -14.40
CA ASN B 268 -19.97 3.34 -14.58
C ASN B 268 -19.22 2.80 -13.37
N ILE B 269 -19.93 2.24 -12.39
CA ILE B 269 -19.32 1.68 -11.18
C ILE B 269 -19.75 0.22 -11.07
N ILE B 270 -18.76 -0.66 -10.89
CA ILE B 270 -19.01 -2.09 -10.68
C ILE B 270 -18.25 -2.49 -9.43
N CYS B 271 -18.92 -2.39 -8.28
CA CYS B 271 -18.30 -2.70 -6.99
C CYS B 271 -19.39 -3.13 -6.02
N GLY B 272 -18.99 -3.38 -4.78
CA GLY B 272 -19.93 -3.72 -3.72
C GLY B 272 -20.28 -2.51 -2.88
N ILE B 273 -21.01 -2.78 -1.80
CA ILE B 273 -21.44 -1.76 -0.85
C ILE B 273 -21.18 -2.31 0.55
N THR B 274 -20.13 -1.82 1.20
CA THR B 274 -19.73 -2.34 2.49
C THR B 274 -20.42 -1.66 3.67
N SER B 275 -20.86 -0.42 3.50
CA SER B 275 -21.48 0.31 4.59
C SER B 275 -22.63 1.15 4.06
N VAL B 276 -23.63 1.36 4.90
CA VAL B 276 -24.81 2.16 4.56
C VAL B 276 -25.26 2.91 5.80
N SER B 277 -25.53 4.20 5.65
CA SER B 277 -25.98 5.02 6.78
C SER B 277 -26.72 6.23 6.24
N PHE B 278 -27.54 6.82 7.11
CA PHE B 278 -28.34 7.99 6.79
C PHE B 278 -27.83 9.19 7.58
N SER B 279 -28.31 10.37 7.19
CA SER B 279 -28.01 11.60 7.91
C SER B 279 -29.02 11.77 9.04
N LYS B 280 -29.03 12.94 9.68
CA LYS B 280 -29.98 13.18 10.76
C LYS B 280 -31.38 13.42 10.23
N SER B 281 -31.50 14.07 9.08
CA SER B 281 -32.80 14.32 8.46
C SER B 281 -33.23 13.23 7.50
N GLY B 282 -32.36 12.26 7.22
CA GLY B 282 -32.71 11.18 6.32
C GLY B 282 -32.71 11.56 4.86
N ARG B 283 -32.08 12.68 4.50
CA ARG B 283 -32.02 13.11 3.11
C ARG B 283 -30.76 12.62 2.42
N LEU B 284 -29.63 12.60 3.11
CA LEU B 284 -28.36 12.16 2.56
C LEU B 284 -28.13 10.70 2.92
N LEU B 285 -27.89 9.88 1.90
CA LEU B 285 -27.64 8.45 2.06
C LEU B 285 -26.19 8.18 1.69
N LEU B 286 -25.35 7.96 2.69
CA LEU B 286 -23.94 7.68 2.50
C LEU B 286 -23.73 6.17 2.41
N ALA B 287 -22.94 5.75 1.43
CA ALA B 287 -22.67 4.34 1.19
C ALA B 287 -21.25 4.17 0.71
N GLY B 288 -20.51 3.27 1.34
CA GLY B 288 -19.15 2.98 0.93
C GLY B 288 -19.08 1.89 -0.12
N TYR B 289 -18.04 1.94 -0.94
CA TYR B 289 -17.87 0.98 -2.02
C TYR B 289 -16.48 0.36 -1.97
N ASP B 290 -16.20 -0.55 -2.91
CA ASP B 290 -14.88 -1.18 -3.03
C ASP B 290 -13.96 -0.42 -3.97
N ASP B 291 -14.37 0.76 -4.46
CA ASP B 291 -13.58 1.57 -5.36
C ASP B 291 -12.70 2.58 -4.63
N PHE B 292 -12.33 2.30 -3.37
CA PHE B 292 -11.45 3.11 -2.55
C PHE B 292 -12.07 4.43 -2.13
N ASN B 293 -13.37 4.61 -2.35
CA ASN B 293 -14.06 5.83 -1.95
C ASN B 293 -15.53 5.53 -1.71
N CYS B 294 -16.16 6.40 -0.94
CA CYS B 294 -17.59 6.30 -0.63
C CYS B 294 -18.35 7.45 -1.26
N ASN B 295 -19.63 7.21 -1.53
CA ASN B 295 -20.50 8.17 -2.19
C ASN B 295 -21.64 8.55 -1.26
N VAL B 296 -22.33 9.64 -1.62
CA VAL B 296 -23.50 10.12 -0.90
C VAL B 296 -24.59 10.42 -1.92
N TRP B 297 -25.74 9.80 -1.74
CA TRP B 297 -26.85 9.91 -2.68
C TRP B 297 -27.99 10.70 -2.06
N ASP B 298 -28.87 11.20 -2.93
CA ASP B 298 -30.08 11.90 -2.49
C ASP B 298 -31.18 10.88 -2.25
N ALA B 299 -31.65 10.79 -1.01
CA ALA B 299 -32.63 9.78 -0.63
C ALA B 299 -33.98 9.97 -1.31
N LEU B 300 -34.25 11.16 -1.87
CA LEU B 300 -35.54 11.45 -2.49
C LEU B 300 -35.44 11.73 -3.98
N LYS B 301 -34.24 11.79 -4.55
CA LYS B 301 -34.06 12.06 -5.97
C LYS B 301 -33.25 11.00 -6.70
N ALA B 302 -32.64 10.05 -6.00
CA ALA B 302 -31.83 9.01 -6.63
C ALA B 302 -30.69 9.59 -7.45
N ASP B 303 -30.22 10.78 -7.07
CA ASP B 303 -29.13 11.45 -7.75
C ASP B 303 -27.90 11.49 -6.86
N ARG B 304 -26.73 11.41 -7.50
CA ARG B 304 -25.47 11.46 -6.77
C ARG B 304 -25.23 12.86 -6.23
N ALA B 305 -25.27 13.01 -4.91
CA ALA B 305 -25.05 14.32 -4.31
C ALA B 305 -23.57 14.69 -4.28
N GLY B 306 -22.71 13.72 -4.00
CA GLY B 306 -21.28 13.99 -3.93
C GLY B 306 -20.50 12.71 -3.79
N VAL B 307 -19.18 12.85 -3.77
CA VAL B 307 -18.26 11.73 -3.64
C VAL B 307 -17.19 12.08 -2.62
N LEU B 308 -16.96 11.17 -1.68
CA LEU B 308 -15.94 11.34 -0.64
C LEU B 308 -14.81 10.38 -0.95
N ALA B 309 -13.70 10.90 -1.48
CA ALA B 309 -12.56 10.10 -1.90
C ALA B 309 -11.31 10.61 -1.18
N GLY B 310 -10.97 9.97 -0.07
CA GLY B 310 -9.76 10.32 0.66
C GLY B 310 -9.04 9.11 1.23
N HIS B 311 -9.56 7.92 0.97
CA HIS B 311 -9.00 6.68 1.50
C HIS B 311 -8.11 6.01 0.47
N ASP B 312 -7.11 5.28 0.96
CA ASP B 312 -6.16 4.56 0.12
C ASP B 312 -6.46 3.07 0.02
N ASN B 313 -7.56 2.60 0.60
CA ASN B 313 -7.94 1.20 0.52
C ASN B 313 -9.47 1.13 0.52
N ARG B 314 -10.01 -0.08 0.63
CA ARG B 314 -11.45 -0.26 0.61
C ARG B 314 -12.07 0.20 1.92
N VAL B 315 -13.16 0.95 1.84
CA VAL B 315 -13.88 1.37 3.03
C VAL B 315 -14.66 0.19 3.58
N SER B 316 -14.53 -0.07 4.89
CA SER B 316 -15.18 -1.19 5.53
C SER B 316 -16.23 -0.79 6.55
N CYS B 317 -16.14 0.40 7.13
CA CYS B 317 -17.08 0.85 8.12
C CYS B 317 -17.35 2.34 7.93
N LEU B 318 -18.59 2.74 8.18
CA LEU B 318 -19.01 4.13 8.04
C LEU B 318 -20.17 4.39 8.97
N GLY B 319 -20.10 5.48 9.73
CA GLY B 319 -21.14 5.80 10.68
C GLY B 319 -21.32 7.29 10.89
N VAL B 320 -22.58 7.72 11.04
CA VAL B 320 -22.91 9.12 11.28
C VAL B 320 -23.24 9.30 12.75
N THR B 321 -22.93 10.47 13.29
CA THR B 321 -23.18 10.73 14.69
C THR B 321 -24.68 10.78 14.96
N ASP B 322 -25.02 10.84 16.26
CA ASP B 322 -26.43 10.94 16.64
C ASP B 322 -27.03 12.25 16.17
N ASP B 323 -26.29 13.35 16.36
CA ASP B 323 -26.74 14.67 15.92
C ASP B 323 -26.30 15.00 14.51
N GLY B 324 -25.55 14.12 13.84
CA GLY B 324 -25.17 14.33 12.46
C GLY B 324 -24.27 15.52 12.24
N MET B 325 -23.17 15.59 12.98
CA MET B 325 -22.21 16.67 12.82
C MET B 325 -21.06 16.28 11.91
N ALA B 326 -20.67 15.00 11.91
CA ALA B 326 -19.56 14.54 11.10
C ALA B 326 -19.82 13.10 10.67
N VAL B 327 -18.96 12.60 9.78
CA VAL B 327 -19.05 11.23 9.27
C VAL B 327 -17.70 10.57 9.47
N ALA B 328 -17.68 9.48 10.23
CA ALA B 328 -16.47 8.72 10.47
C ALA B 328 -16.44 7.51 9.54
N THR B 329 -15.34 7.38 8.79
CA THR B 329 -15.18 6.28 7.84
C THR B 329 -13.85 5.60 8.08
N GLY B 330 -13.89 4.27 8.25
CA GLY B 330 -12.69 3.49 8.44
C GLY B 330 -12.46 2.53 7.30
N SER B 331 -11.29 2.59 6.69
CA SER B 331 -10.94 1.76 5.54
C SER B 331 -9.88 0.73 5.93
N TRP B 332 -9.47 -0.07 4.96
CA TRP B 332 -8.51 -1.13 5.19
C TRP B 332 -7.06 -0.65 5.25
N ASP B 333 -6.83 0.67 5.14
CA ASP B 333 -5.49 1.23 5.23
C ASP B 333 -5.10 1.58 6.66
N SER B 334 -5.81 1.03 7.65
CA SER B 334 -5.52 1.31 9.06
C SER B 334 -5.66 2.81 9.37
N PHE B 335 -6.51 3.51 8.62
CA PHE B 335 -6.73 4.93 8.81
C PHE B 335 -8.22 5.18 8.95
N LEU B 336 -8.60 5.91 10.00
CA LEU B 336 -9.99 6.25 10.28
C LEU B 336 -10.13 7.77 10.20
N LYS B 337 -10.82 8.24 9.17
CA LYS B 337 -10.99 9.67 8.93
C LYS B 337 -12.37 10.11 9.39
N ILE B 338 -12.49 11.43 9.59
CA ILE B 338 -13.75 12.06 10.00
C ILE B 338 -14.03 13.20 9.05
N TRP B 339 -15.16 13.14 8.37
CA TRP B 339 -15.54 14.13 7.37
C TRP B 339 -16.64 15.03 7.94
N ASN B 340 -16.47 16.34 7.75
CA ASN B 340 -17.45 17.31 8.21
C ASN B 340 -17.36 18.59 7.38
N THR C 2 -37.99 -37.54 5.58
CA THR C 2 -36.74 -36.86 5.90
C THR C 2 -37.01 -35.66 6.82
N ALA C 3 -35.97 -34.87 7.07
CA ALA C 3 -36.08 -33.69 7.91
C ALA C 3 -36.29 -32.40 7.12
N SER C 4 -36.09 -32.44 5.79
CA SER C 4 -36.31 -31.25 4.98
C SER C 4 -37.78 -30.87 4.88
N ILE C 5 -38.69 -31.85 5.02
CA ILE C 5 -40.11 -31.53 5.00
C ILE C 5 -40.46 -30.61 6.17
N ALA C 6 -39.77 -30.75 7.30
CA ALA C 6 -40.01 -29.84 8.41
C ALA C 6 -39.60 -28.42 8.06
N GLN C 7 -38.49 -28.26 7.33
CA GLN C 7 -38.10 -26.93 6.87
C GLN C 7 -39.15 -26.36 5.91
N ALA C 8 -39.81 -27.24 5.14
CA ALA C 8 -40.84 -26.77 4.22
C ALA C 8 -42.09 -26.35 4.97
N ARG C 9 -42.48 -27.11 6.00
CA ARG C 9 -43.69 -26.78 6.75
C ARG C 9 -43.56 -25.44 7.44
N LYS C 10 -42.46 -25.24 8.19
CA LYS C 10 -42.26 -23.95 8.85
C LYS C 10 -42.10 -22.83 7.83
N LEU C 11 -41.59 -23.15 6.64
CA LEU C 11 -41.42 -22.13 5.62
C LEU C 11 -42.77 -21.60 5.15
N VAL C 12 -43.66 -22.49 4.71
CA VAL C 12 -44.97 -22.05 4.24
C VAL C 12 -45.73 -21.36 5.36
N GLU C 13 -45.57 -21.84 6.59
CA GLU C 13 -46.25 -21.21 7.72
C GLU C 13 -45.85 -19.75 7.84
N GLN C 14 -44.56 -19.45 7.70
CA GLN C 14 -44.11 -18.07 7.75
C GLN C 14 -44.69 -17.27 6.59
N LEU C 15 -44.75 -17.86 5.39
CA LEU C 15 -45.35 -17.18 4.26
C LEU C 15 -46.82 -16.86 4.51
N LYS C 16 -47.56 -17.80 5.12
CA LYS C 16 -48.95 -17.52 5.45
C LYS C 16 -49.07 -16.39 6.44
N MET C 17 -48.22 -16.38 7.48
CA MET C 17 -48.25 -15.31 8.46
C MET C 17 -47.96 -13.96 7.81
N GLU C 18 -47.07 -13.94 6.82
CA GLU C 18 -46.71 -12.68 6.17
C GLU C 18 -47.85 -12.18 5.28
N ALA C 19 -48.55 -13.09 4.62
CA ALA C 19 -49.61 -12.68 3.70
C ALA C 19 -50.82 -12.10 4.44
N ASN C 20 -50.86 -12.21 5.77
CA ASN C 20 -52.01 -11.72 6.52
C ASN C 20 -51.92 -10.24 6.89
N ILE C 21 -50.72 -9.68 6.95
CA ILE C 21 -50.59 -8.28 7.35
C ILE C 21 -51.08 -7.39 6.23
N ASP C 22 -51.54 -6.19 6.60
CA ASP C 22 -52.06 -5.24 5.64
C ASP C 22 -50.92 -4.48 4.97
N ARG C 23 -51.28 -3.55 4.09
CA ARG C 23 -50.30 -2.75 3.36
C ARG C 23 -50.85 -1.35 3.18
N ILE C 24 -49.95 -0.41 2.89
CA ILE C 24 -50.28 0.98 2.67
C ILE C 24 -49.88 1.35 1.24
N LYS C 25 -50.69 2.19 0.60
CA LYS C 25 -50.41 2.61 -0.77
C LYS C 25 -49.03 3.27 -0.84
N VAL C 26 -48.33 3.02 -1.94
CA VAL C 26 -47.00 3.60 -2.11
C VAL C 26 -47.08 5.12 -2.10
N SER C 27 -48.11 5.68 -2.72
CA SER C 27 -48.28 7.13 -2.75
C SER C 27 -48.50 7.71 -1.35
N LYS C 28 -48.91 6.91 -0.38
CA LYS C 28 -49.10 7.37 0.98
C LYS C 28 -47.81 7.27 1.79
N ALA C 29 -47.21 6.08 1.83
CA ALA C 29 -45.96 5.91 2.56
C ALA C 29 -44.86 6.77 1.95
N ALA C 30 -44.88 6.94 0.63
CA ALA C 30 -43.89 7.80 -0.01
C ALA C 30 -44.09 9.26 0.37
N ALA C 31 -45.35 9.70 0.46
CA ALA C 31 -45.62 11.08 0.83
C ALA C 31 -45.21 11.35 2.28
N ASP C 32 -45.52 10.42 3.19
CA ASP C 32 -45.14 10.60 4.59
C ASP C 32 -43.62 10.66 4.73
N LEU C 33 -42.90 9.87 3.94
CA LEU C 33 -41.44 9.90 3.99
C LEU C 33 -40.92 11.25 3.52
N MET C 34 -41.48 11.79 2.45
CA MET C 34 -41.04 13.08 1.95
C MET C 34 -41.40 14.20 2.93
N ALA C 35 -42.56 14.07 3.59
CA ALA C 35 -42.96 15.10 4.55
C ALA C 35 -42.02 15.14 5.75
N TYR C 36 -41.65 13.96 6.28
CA TYR C 36 -40.74 13.92 7.41
C TYR C 36 -39.36 14.41 7.03
N CYS C 37 -38.96 14.21 5.77
CA CYS C 37 -37.62 14.62 5.33
C CYS C 37 -37.47 16.14 5.30
N GLU C 38 -38.58 16.88 5.26
CA GLU C 38 -38.52 18.34 5.25
C GLU C 38 -38.77 18.95 6.63
N ALA C 39 -39.39 18.22 7.54
CA ALA C 39 -39.63 18.75 8.89
C ALA C 39 -38.32 19.02 9.61
N HIS C 40 -37.27 18.24 9.32
CA HIS C 40 -35.96 18.41 9.93
C HIS C 40 -34.90 18.81 8.90
N ALA C 41 -35.31 19.56 7.87
CA ALA C 41 -34.36 19.97 6.84
C ALA C 41 -33.32 20.93 7.40
N LYS C 42 -33.75 21.86 8.25
CA LYS C 42 -32.85 22.84 8.83
C LYS C 42 -32.07 22.30 10.04
N GLU C 43 -32.27 21.04 10.41
CA GLU C 43 -31.62 20.43 11.56
C GLU C 43 -30.56 19.42 11.15
N ASP C 44 -30.12 19.45 9.89
CA ASP C 44 -29.12 18.51 9.38
C ASP C 44 -27.83 19.24 9.08
N PRO C 45 -26.82 19.19 9.95
CA PRO C 45 -25.54 19.85 9.64
C PRO C 45 -24.88 19.34 8.37
N LEU C 46 -25.24 18.15 7.90
CA LEU C 46 -24.64 17.64 6.68
C LEU C 46 -25.28 18.26 5.44
N LEU C 47 -26.60 18.38 5.43
CA LEU C 47 -27.29 18.99 4.29
C LEU C 47 -26.98 20.47 4.20
N THR C 48 -27.30 21.23 5.25
CA THR C 48 -27.03 22.67 5.26
C THR C 48 -25.65 22.94 5.84
N PRO C 49 -24.96 23.98 5.37
CA PRO C 49 -23.65 24.30 5.93
C PRO C 49 -23.77 24.83 7.35
N VAL C 50 -22.62 24.97 8.00
CA VAL C 50 -22.56 25.48 9.37
C VAL C 50 -21.29 26.32 9.53
N PRO C 51 -21.36 27.50 10.14
CA PRO C 51 -20.14 28.28 10.36
C PRO C 51 -19.17 27.54 11.28
N ALA C 52 -17.92 28.01 11.27
CA ALA C 52 -16.88 27.43 12.10
C ALA C 52 -17.02 27.81 13.57
N SER C 53 -17.99 28.64 13.93
CA SER C 53 -18.16 29.04 15.33
C SER C 53 -18.68 27.87 16.17
N GLU C 54 -19.84 27.33 15.82
CA GLU C 54 -20.42 26.22 16.55
C GLU C 54 -19.94 24.86 16.05
N ASN C 55 -19.26 24.81 14.92
CA ASN C 55 -18.76 23.55 14.39
C ASN C 55 -17.61 23.04 15.26
N PRO C 56 -17.75 21.89 15.93
CA PRO C 56 -16.63 21.39 16.76
C PRO C 56 -15.43 20.93 15.95
N PHE C 57 -15.56 20.80 14.63
CA PHE C 57 -14.47 20.38 13.77
C PHE C 57 -14.07 21.58 12.90
N ARG C 58 -12.88 22.11 13.15
CA ARG C 58 -12.39 23.27 12.40
C ARG C 58 -12.05 22.88 10.97
N GLN D 1 -36.92 -11.04 -6.62
CA GLN D 1 -36.69 -12.38 -6.02
C GLN D 1 -35.91 -13.28 -6.97
N VAL D 2 -34.68 -13.60 -6.62
CA VAL D 2 -33.83 -14.44 -7.45
C VAL D 2 -34.33 -15.88 -7.37
N GLN D 3 -34.62 -16.47 -8.53
CA GLN D 3 -35.07 -17.85 -8.59
C GLN D 3 -34.60 -18.46 -9.91
N LEU D 4 -34.34 -19.76 -9.89
CA LEU D 4 -33.86 -20.49 -11.06
C LEU D 4 -34.75 -21.71 -11.24
N GLN D 5 -35.60 -21.68 -12.26
CA GLN D 5 -36.49 -22.79 -12.59
C GLN D 5 -35.97 -23.50 -13.83
N GLU D 6 -35.76 -24.80 -13.73
CA GLU D 6 -35.21 -25.60 -14.81
C GLU D 6 -36.22 -26.66 -15.24
N SER D 7 -35.91 -27.32 -16.35
CA SER D 7 -36.77 -28.35 -16.91
C SER D 7 -35.90 -29.53 -17.32
N GLY D 8 -36.50 -30.48 -18.05
CA GLY D 8 -35.78 -31.65 -18.48
C GLY D 8 -35.64 -32.67 -17.36
N GLY D 9 -34.83 -33.70 -17.64
CA GLY D 9 -34.59 -34.75 -16.70
C GLY D 9 -35.35 -36.02 -17.04
N GLY D 10 -35.94 -36.66 -16.03
CA GLY D 10 -36.70 -37.87 -16.27
C GLY D 10 -35.81 -39.10 -16.37
N LEU D 11 -36.34 -40.11 -17.04
CA LEU D 11 -35.65 -41.39 -17.22
C LEU D 11 -35.23 -41.54 -18.68
N VAL D 12 -33.99 -41.98 -18.89
CA VAL D 12 -33.47 -42.21 -20.23
C VAL D 12 -32.50 -43.38 -20.18
N GLN D 13 -32.55 -44.22 -21.20
CA GLN D 13 -31.69 -45.39 -21.25
C GLN D 13 -30.23 -44.95 -21.38
N PRO D 14 -29.28 -45.78 -20.92
CA PRO D 14 -27.87 -45.41 -21.01
C PRO D 14 -27.44 -45.21 -22.46
N GLY D 15 -26.57 -44.23 -22.68
CA GLY D 15 -26.08 -43.91 -24.00
C GLY D 15 -26.94 -42.94 -24.78
N GLY D 16 -28.10 -42.54 -24.25
CA GLY D 16 -28.98 -41.62 -24.93
C GLY D 16 -28.52 -40.19 -24.78
N SER D 17 -29.46 -39.26 -24.97
CA SER D 17 -29.21 -37.83 -24.85
C SER D 17 -30.29 -37.20 -23.98
N LEU D 18 -30.02 -35.98 -23.53
CA LEU D 18 -30.95 -35.25 -22.69
C LEU D 18 -30.53 -33.79 -22.66
N ARG D 19 -31.53 -32.90 -22.56
CA ARG D 19 -31.30 -31.46 -22.58
C ARG D 19 -32.02 -30.83 -21.40
N LEU D 20 -31.29 -30.06 -20.60
CA LEU D 20 -31.83 -29.39 -19.43
C LEU D 20 -31.65 -27.89 -19.61
N SER D 21 -32.76 -27.15 -19.60
CA SER D 21 -32.75 -25.70 -19.73
C SER D 21 -33.08 -25.08 -18.38
N CYS D 22 -32.16 -24.27 -17.86
CA CYS D 22 -32.34 -23.60 -16.57
C CYS D 22 -32.79 -22.17 -16.84
N ALA D 23 -34.09 -21.93 -16.72
CA ALA D 23 -34.66 -20.62 -16.96
C ALA D 23 -34.40 -19.72 -15.75
N ALA D 24 -33.48 -18.78 -15.90
CA ALA D 24 -33.13 -17.87 -14.82
C ALA D 24 -34.00 -16.61 -14.90
N SER D 25 -34.57 -16.23 -13.76
CA SER D 25 -35.43 -15.05 -13.68
C SER D 25 -35.20 -14.35 -12.35
N GLY D 26 -35.50 -13.06 -12.32
CA GLY D 26 -35.35 -12.26 -11.13
C GLY D 26 -34.02 -11.53 -11.02
N PHE D 27 -33.14 -11.66 -11.99
CA PHE D 27 -31.86 -10.98 -11.95
C PHE D 27 -31.29 -10.89 -13.36
N THR D 28 -30.45 -9.88 -13.57
CA THR D 28 -29.76 -9.73 -14.85
C THR D 28 -28.89 -10.95 -15.11
N PHE D 29 -28.99 -11.50 -16.33
CA PHE D 29 -28.32 -12.75 -16.64
C PHE D 29 -26.88 -12.54 -17.09
N SER D 30 -26.65 -11.55 -17.96
CA SER D 30 -25.32 -11.35 -18.51
C SER D 30 -24.44 -10.54 -17.57
N ASN D 31 -24.38 -10.94 -16.29
CA ASN D 31 -23.45 -10.36 -15.34
C ASN D 31 -22.80 -11.36 -14.42
N TYR D 32 -23.31 -12.59 -14.32
CA TYR D 32 -22.73 -13.63 -13.47
C TYR D 32 -22.34 -14.82 -14.33
N LYS D 33 -21.48 -15.67 -13.76
CA LYS D 33 -21.05 -16.91 -14.41
C LYS D 33 -21.87 -18.05 -13.83
N MET D 34 -22.70 -18.67 -14.66
CA MET D 34 -23.56 -19.74 -14.20
C MET D 34 -22.81 -21.08 -14.21
N ASN D 35 -23.12 -21.91 -13.22
CA ASN D 35 -22.48 -23.21 -13.07
C ASN D 35 -23.54 -24.29 -12.92
N TRP D 36 -23.12 -25.54 -13.12
CA TRP D 36 -23.96 -26.71 -12.94
C TRP D 36 -23.34 -27.61 -11.88
N VAL D 37 -24.13 -27.98 -10.88
CA VAL D 37 -23.68 -28.84 -9.80
C VAL D 37 -24.70 -29.95 -9.62
N ARG D 38 -24.22 -31.17 -9.37
CA ARG D 38 -25.07 -32.34 -9.21
C ARG D 38 -24.83 -32.96 -7.84
N GLN D 39 -25.81 -33.75 -7.41
CA GLN D 39 -25.76 -34.47 -6.13
C GLN D 39 -26.18 -35.91 -6.38
N ALA D 40 -25.21 -36.82 -6.44
CA ALA D 40 -25.52 -38.22 -6.63
C ALA D 40 -26.21 -38.78 -5.39
N PRO D 41 -27.04 -39.82 -5.55
CA PRO D 41 -27.72 -40.40 -4.38
C PRO D 41 -26.74 -41.00 -3.40
N GLY D 42 -26.77 -40.50 -2.16
CA GLY D 42 -25.88 -40.97 -1.13
C GLY D 42 -24.52 -40.31 -1.10
N LYS D 43 -24.32 -39.25 -1.89
CA LYS D 43 -23.05 -38.54 -1.95
C LYS D 43 -23.32 -37.04 -1.82
N GLY D 44 -22.25 -36.27 -1.77
CA GLY D 44 -22.33 -34.83 -1.62
C GLY D 44 -22.42 -34.11 -2.96
N LEU D 45 -22.38 -32.78 -2.89
CA LEU D 45 -22.44 -31.96 -4.07
C LEU D 45 -21.07 -31.89 -4.75
N GLU D 46 -21.09 -31.85 -6.08
CA GLU D 46 -19.86 -31.78 -6.86
C GLU D 46 -20.08 -30.83 -8.04
N TRP D 47 -18.97 -30.30 -8.55
CA TRP D 47 -18.99 -29.37 -9.66
C TRP D 47 -18.92 -30.12 -10.98
N VAL D 48 -19.70 -29.66 -11.96
CA VAL D 48 -19.77 -30.31 -13.26
C VAL D 48 -19.16 -29.42 -14.33
N SER D 49 -19.74 -28.23 -14.52
CA SER D 49 -19.29 -27.33 -15.57
C SER D 49 -19.58 -25.89 -15.15
N ASP D 50 -19.14 -24.96 -15.99
CA ASP D 50 -19.35 -23.54 -15.76
C ASP D 50 -19.27 -22.81 -17.10
N ILE D 51 -19.52 -21.50 -17.06
CA ILE D 51 -19.47 -20.67 -18.26
C ILE D 51 -19.41 -19.20 -17.83
N SER D 52 -18.66 -18.40 -18.58
CA SER D 52 -18.45 -17.00 -18.23
C SER D 52 -19.73 -16.20 -18.54
N GLN D 53 -19.63 -14.88 -18.39
CA GLN D 53 -20.79 -14.02 -18.62
C GLN D 53 -21.29 -14.16 -20.07
N SER D 54 -20.45 -13.78 -21.03
CA SER D 54 -20.77 -13.99 -22.44
C SER D 54 -20.33 -15.36 -22.92
N GLY D 55 -19.28 -15.92 -22.32
CA GLY D 55 -18.80 -17.25 -22.66
C GLY D 55 -17.57 -17.22 -23.53
N ALA D 56 -16.40 -17.36 -22.90
CA ALA D 56 -15.14 -17.46 -23.62
C ALA D 56 -14.22 -18.55 -23.10
N SER D 57 -14.33 -18.97 -21.84
CA SER D 57 -13.51 -20.03 -21.25
C SER D 57 -14.46 -20.99 -20.54
N ILE D 58 -14.97 -21.97 -21.28
CA ILE D 58 -15.87 -22.97 -20.72
C ILE D 58 -15.04 -24.12 -20.19
N SER D 59 -15.36 -24.57 -18.97
CA SER D 59 -14.62 -25.64 -18.32
C SER D 59 -15.57 -26.74 -17.86
N TYR D 60 -15.07 -27.97 -17.87
CA TYR D 60 -15.83 -29.13 -17.42
C TYR D 60 -14.97 -29.94 -16.46
N THR D 61 -15.62 -30.85 -15.75
CA THR D 61 -14.90 -31.79 -14.91
C THR D 61 -14.35 -32.93 -15.76
N GLY D 62 -13.34 -33.62 -15.22
CA GLY D 62 -12.71 -34.69 -15.97
C GLY D 62 -13.66 -35.80 -16.35
N SER D 63 -14.65 -36.08 -15.50
CA SER D 63 -15.56 -37.19 -15.77
C SER D 63 -16.44 -36.91 -16.97
N VAL D 64 -16.76 -35.64 -17.24
CA VAL D 64 -17.65 -35.27 -18.33
C VAL D 64 -16.91 -34.55 -19.45
N LYS D 65 -15.58 -34.59 -19.45
CA LYS D 65 -14.80 -33.91 -20.48
C LYS D 65 -15.11 -34.51 -21.84
N GLY D 66 -15.75 -33.73 -22.71
CA GLY D 66 -16.05 -34.14 -24.05
C GLY D 66 -17.45 -34.68 -24.26
N ARG D 67 -18.13 -35.13 -23.21
CA ARG D 67 -19.47 -35.68 -23.33
C ARG D 67 -20.53 -34.59 -23.29
N PHE D 68 -20.57 -33.83 -22.20
CA PHE D 68 -21.55 -32.75 -22.04
C PHE D 68 -21.03 -31.46 -22.67
N THR D 69 -21.97 -30.59 -23.02
CA THR D 69 -21.64 -29.27 -23.55
C THR D 69 -22.64 -28.27 -22.99
N ILE D 70 -22.12 -27.11 -22.58
CA ILE D 70 -22.90 -26.09 -21.89
C ILE D 70 -23.00 -24.86 -22.79
N SER D 71 -24.17 -24.22 -22.78
CA SER D 71 -24.40 -23.01 -23.55
C SER D 71 -25.46 -22.17 -22.85
N ARG D 72 -25.35 -20.86 -23.00
CA ARG D 72 -26.26 -19.92 -22.38
C ARG D 72 -26.81 -18.96 -23.43
N ASP D 73 -27.87 -18.25 -23.05
CA ASP D 73 -28.51 -17.27 -23.92
C ASP D 73 -28.84 -16.04 -23.09
N ASN D 74 -28.10 -14.96 -23.29
CA ASN D 74 -28.31 -13.74 -22.52
C ASN D 74 -29.61 -13.03 -22.90
N ALA D 75 -30.13 -13.28 -24.10
CA ALA D 75 -31.35 -12.61 -24.54
C ALA D 75 -32.58 -13.22 -23.88
N LYS D 76 -32.64 -14.54 -23.77
CA LYS D 76 -33.78 -15.23 -23.19
C LYS D 76 -33.57 -15.61 -21.73
N ASN D 77 -32.40 -15.33 -21.17
CA ASN D 77 -32.09 -15.64 -19.77
C ASN D 77 -32.29 -17.14 -19.51
N THR D 78 -31.58 -17.95 -20.29
CA THR D 78 -31.66 -19.40 -20.18
C THR D 78 -30.25 -19.98 -20.14
N LEU D 79 -30.15 -21.20 -19.63
CA LEU D 79 -28.87 -21.89 -19.50
C LEU D 79 -29.10 -23.36 -19.84
N TYR D 80 -28.50 -23.82 -20.94
CA TYR D 80 -28.70 -25.17 -21.43
C TYR D 80 -27.46 -26.03 -21.17
N LEU D 81 -27.68 -27.34 -21.10
CA LEU D 81 -26.61 -28.32 -20.91
C LEU D 81 -27.00 -29.57 -21.66
N GLN D 82 -26.53 -29.70 -22.90
CA GLN D 82 -26.84 -30.85 -23.73
C GLN D 82 -26.02 -32.06 -23.28
N MET D 83 -26.67 -33.22 -23.25
CA MET D 83 -26.04 -34.46 -22.81
C MET D 83 -25.84 -35.40 -24.01
N ASN D 84 -24.69 -36.05 -24.04
CA ASN D 84 -24.35 -37.01 -25.09
C ASN D 84 -23.71 -38.23 -24.46
N SER D 85 -24.16 -39.42 -24.86
CA SER D 85 -23.59 -40.68 -24.40
C SER D 85 -23.65 -40.77 -22.87
N LEU D 86 -24.89 -40.81 -22.37
CA LEU D 86 -25.10 -40.90 -20.93
C LEU D 86 -24.42 -42.15 -20.36
N LYS D 87 -24.28 -42.15 -19.04
CA LYS D 87 -23.67 -43.25 -18.31
C LYS D 87 -24.59 -43.69 -17.17
N PRO D 88 -24.69 -44.98 -16.89
CA PRO D 88 -25.55 -45.42 -15.78
C PRO D 88 -25.18 -44.82 -14.45
N GLU D 89 -23.94 -44.34 -14.28
CA GLU D 89 -23.50 -43.74 -13.03
C GLU D 89 -23.75 -42.24 -12.97
N ASP D 90 -24.22 -41.63 -14.06
CA ASP D 90 -24.44 -40.19 -14.12
C ASP D 90 -25.77 -39.77 -13.49
N THR D 91 -26.52 -40.71 -12.92
CA THR D 91 -27.79 -40.36 -12.29
C THR D 91 -27.54 -39.50 -11.06
N ALA D 92 -28.21 -38.34 -11.00
CA ALA D 92 -28.05 -37.41 -9.90
C ALA D 92 -29.02 -36.26 -10.11
N VAL D 93 -29.17 -35.44 -9.07
CA VAL D 93 -30.04 -34.27 -9.10
C VAL D 93 -29.18 -33.10 -9.56
N TYR D 94 -29.36 -32.68 -10.82
CA TYR D 94 -28.56 -31.62 -11.40
C TYR D 94 -29.19 -30.28 -11.04
N TYR D 95 -28.50 -29.49 -10.20
CA TYR D 95 -28.96 -28.19 -9.78
C TYR D 95 -28.42 -27.11 -10.70
N CYS D 96 -29.05 -25.94 -10.63
CA CYS D 96 -28.61 -24.76 -11.37
C CYS D 96 -28.10 -23.72 -10.38
N ALA D 97 -26.81 -23.40 -10.47
CA ALA D 97 -26.14 -22.55 -9.50
C ALA D 97 -25.74 -21.24 -10.16
N ARG D 98 -25.86 -20.14 -9.42
CA ARG D 98 -25.47 -18.82 -9.87
C ARG D 98 -24.42 -18.27 -8.92
N CYS D 99 -23.29 -17.83 -9.47
CA CYS D 99 -22.21 -17.33 -8.63
C CYS D 99 -22.60 -16.00 -8.00
N PRO D 100 -22.20 -15.74 -6.76
CA PRO D 100 -22.75 -14.59 -6.03
C PRO D 100 -22.21 -13.25 -6.50
N ALA D 101 -20.95 -13.19 -6.94
CA ALA D 101 -20.32 -11.93 -7.27
C ALA D 101 -20.34 -11.70 -8.78
N PRO D 102 -20.89 -10.59 -9.26
CA PRO D 102 -20.81 -10.29 -10.69
C PRO D 102 -19.48 -9.66 -11.06
N PHE D 103 -19.11 -9.83 -12.33
CA PHE D 103 -17.86 -9.28 -12.86
C PHE D 103 -16.64 -9.90 -12.18
N THR D 104 -16.79 -11.11 -11.66
CA THR D 104 -15.71 -11.83 -11.00
C THR D 104 -15.48 -13.17 -11.68
N ARG D 105 -14.21 -13.56 -11.78
CA ARG D 105 -13.87 -14.83 -12.41
C ARG D 105 -14.01 -16.00 -11.46
N ASP D 106 -14.06 -15.76 -10.15
CA ASP D 106 -14.19 -16.81 -9.15
C ASP D 106 -15.50 -16.65 -8.38
N CYS D 107 -15.85 -17.69 -7.65
CA CYS D 107 -17.04 -17.67 -6.80
C CYS D 107 -17.01 -18.87 -5.89
N PHE D 108 -17.21 -18.65 -4.59
CA PHE D 108 -17.19 -19.72 -3.59
C PHE D 108 -18.60 -20.23 -3.35
N ASP D 109 -18.67 -21.32 -2.57
CA ASP D 109 -19.91 -21.86 -2.03
C ASP D 109 -20.84 -22.41 -3.11
N VAL D 110 -20.36 -22.53 -4.36
CA VAL D 110 -21.21 -23.06 -5.42
C VAL D 110 -21.65 -24.48 -5.09
N THR D 111 -20.77 -25.26 -4.46
CA THR D 111 -21.06 -26.64 -4.08
C THR D 111 -21.40 -26.79 -2.61
N SER D 112 -21.63 -25.68 -1.91
CA SER D 112 -21.95 -25.76 -0.49
C SER D 112 -23.27 -26.49 -0.27
N THR D 113 -23.42 -27.06 0.93
CA THR D 113 -24.65 -27.78 1.25
C THR D 113 -25.85 -26.87 1.17
N THR D 114 -25.73 -25.63 1.65
CA THR D 114 -26.80 -24.64 1.60
C THR D 114 -26.33 -23.49 0.72
N TYR D 115 -27.15 -23.13 -0.27
CA TYR D 115 -26.81 -22.06 -1.20
C TYR D 115 -28.12 -21.43 -1.68
N ALA D 116 -28.32 -20.16 -1.30
CA ALA D 116 -29.59 -19.50 -1.60
C ALA D 116 -29.79 -19.26 -3.09
N TYR D 117 -28.75 -19.38 -3.90
CA TYR D 117 -28.81 -19.10 -5.33
C TYR D 117 -28.86 -20.38 -6.15
N ARG D 118 -29.48 -21.43 -5.61
CA ARG D 118 -29.61 -22.76 -6.30
C ARG D 118 -31.03 -22.93 -6.85
N GLY D 119 -31.22 -23.79 -7.86
CA GLY D 119 -32.53 -23.94 -8.53
C GLY D 119 -33.36 -25.14 -8.07
N GLN D 120 -32.86 -25.97 -7.16
CA GLN D 120 -33.58 -27.20 -6.70
C GLN D 120 -34.01 -28.01 -7.91
N GLY D 121 -33.07 -28.39 -8.79
CA GLY D 121 -33.35 -29.13 -10.04
C GLY D 121 -33.91 -30.53 -9.81
N THR D 122 -34.51 -31.15 -10.84
CA THR D 122 -35.17 -32.49 -10.76
C THR D 122 -34.16 -33.64 -10.82
N GLN D 123 -34.57 -34.84 -10.36
CA GLN D 123 -33.72 -36.07 -10.40
C GLN D 123 -33.65 -36.57 -11.85
N VAL D 124 -32.47 -37.00 -12.33
CA VAL D 124 -32.28 -37.52 -13.71
C VAL D 124 -31.73 -38.95 -13.67
N THR D 125 -32.56 -39.95 -14.02
CA THR D 125 -32.27 -41.37 -13.88
C THR D 125 -31.74 -41.91 -15.20
N VAL D 126 -30.68 -42.71 -15.13
CA VAL D 126 -30.09 -43.37 -16.28
C VAL D 126 -29.89 -44.83 -15.90
N SER D 127 -30.85 -45.68 -16.24
CA SER D 127 -30.78 -47.11 -15.91
C SER D 127 -31.79 -47.84 -16.79
N SER D 128 -31.89 -49.15 -16.58
CA SER D 128 -32.82 -49.98 -17.36
C SER D 128 -33.61 -50.89 -16.43
N HIS E 1 37.60 10.15 -3.35
CA HIS E 1 36.85 10.73 -4.51
C HIS E 1 37.79 11.50 -5.42
N SER E 2 37.23 12.09 -6.47
CA SER E 2 38.00 12.87 -7.44
C SER E 2 37.60 14.34 -7.48
N GLN E 3 36.54 14.74 -6.78
CA GLN E 3 36.16 16.14 -6.76
C GLN E 3 37.27 17.01 -6.19
N GLY E 4 37.88 16.56 -5.09
CA GLY E 4 38.98 17.33 -4.52
C GLY E 4 40.19 17.36 -5.44
N THR E 5 40.47 16.26 -6.13
CA THR E 5 41.59 16.23 -7.05
C THR E 5 41.38 17.22 -8.20
N PHE E 6 40.15 17.30 -8.72
CA PHE E 6 39.85 18.29 -9.74
C PHE E 6 39.98 19.70 -9.18
N THR E 7 39.54 19.91 -7.94
CA THR E 7 39.68 21.23 -7.33
C THR E 7 41.14 21.59 -7.12
N SER E 8 41.97 20.61 -6.74
CA SER E 8 43.39 20.87 -6.58
C SER E 8 44.04 21.16 -7.93
N ASP E 9 43.74 20.36 -8.95
CA ASP E 9 44.29 20.61 -10.28
C ASP E 9 43.83 21.98 -10.80
N TYR E 10 42.56 22.30 -10.61
CA TYR E 10 42.06 23.61 -11.02
C TYR E 10 42.72 24.72 -10.21
N SER E 11 42.85 24.51 -8.90
CA SER E 11 43.49 25.52 -8.06
C SER E 11 44.93 25.76 -8.48
N LYS E 12 45.68 24.69 -8.74
CA LYS E 12 47.06 24.84 -9.16
C LYS E 12 47.14 25.57 -10.50
N TYR E 13 46.22 25.27 -11.42
CA TYR E 13 46.22 25.95 -12.71
C TYR E 13 45.95 27.44 -12.54
N LEU E 14 44.92 27.80 -11.79
CA LEU E 14 44.65 29.21 -11.52
C LEU E 14 45.81 29.86 -10.79
N ASP E 15 46.43 29.13 -9.86
CA ASP E 15 47.55 29.69 -9.11
C ASP E 15 48.71 30.03 -10.02
N SER E 16 49.06 29.12 -10.93
CA SER E 16 50.14 29.40 -11.87
C SER E 16 49.79 30.58 -12.78
N ARG E 17 48.52 30.67 -13.18
CA ARG E 17 48.09 31.78 -14.03
C ARG E 17 48.16 33.11 -13.27
N ARG E 18 47.71 33.11 -12.01
CA ARG E 18 47.78 34.33 -11.21
C ARG E 18 49.22 34.78 -11.01
N ALA E 19 50.12 33.83 -10.73
CA ALA E 19 51.52 34.18 -10.50
C ALA E 19 52.14 34.79 -11.75
N GLN E 20 51.96 34.14 -12.90
CA GLN E 20 52.57 34.65 -14.13
C GLN E 20 52.02 36.02 -14.49
N ASP E 21 50.71 36.15 -14.57
CA ASP E 21 50.11 37.41 -15.01
C ASP E 21 50.39 38.54 -14.02
N PHE E 22 50.37 38.24 -12.73
CA PHE E 22 50.54 39.29 -11.72
C PHE E 22 51.89 39.97 -11.87
N VAL E 23 52.97 39.18 -11.85
CA VAL E 23 54.30 39.78 -11.94
C VAL E 23 54.48 40.49 -13.28
N GLN E 24 53.93 39.92 -14.35
CA GLN E 24 54.02 40.57 -15.65
C GLN E 24 53.35 41.94 -15.63
N TRP E 25 52.19 42.04 -14.99
CA TRP E 25 51.52 43.33 -14.86
C TRP E 25 52.35 44.30 -14.04
N LEU E 26 53.03 43.79 -13.01
CA LEU E 26 53.88 44.63 -12.17
C LEU E 26 55.20 44.92 -12.87
N THR F 44 53.57 28.39 -4.53
CA THR F 44 54.67 29.11 -5.17
C THR F 44 54.28 30.54 -5.50
N VAL F 45 52.98 30.76 -5.75
CA VAL F 45 52.50 32.09 -6.07
C VAL F 45 52.69 33.02 -4.88
N GLN F 46 52.37 32.54 -3.67
CA GLN F 46 52.56 33.35 -2.48
C GLN F 46 54.04 33.70 -2.27
N LYS F 47 54.93 32.75 -2.54
CA LYS F 47 56.36 33.02 -2.43
C LYS F 47 56.78 34.12 -3.38
N TRP F 48 56.22 34.13 -4.59
CA TRP F 48 56.56 35.18 -5.55
C TRP F 48 56.19 36.55 -5.02
N ARG F 49 55.01 36.68 -4.40
CA ARG F 49 54.61 37.96 -3.82
C ARG F 49 55.58 38.38 -2.72
N GLU F 50 55.96 37.46 -1.84
CA GLU F 50 56.91 37.79 -0.80
C GLU F 50 58.26 38.18 -1.38
N TYR F 51 58.71 37.48 -2.43
CA TYR F 51 59.97 37.83 -3.07
C TYR F 51 59.91 39.22 -3.67
N ARG F 52 58.78 39.56 -4.31
CA ARG F 52 58.64 40.90 -4.87
C ARG F 52 58.72 41.96 -3.78
N ARG F 53 58.08 41.73 -2.64
CA ARG F 53 58.16 42.68 -1.53
C ARG F 53 59.59 42.79 -1.03
N GLN F 54 60.32 41.68 -0.97
CA GLN F 54 61.72 41.73 -0.54
C GLN F 54 62.56 42.55 -1.48
N CYS F 55 62.32 42.41 -2.80
CA CYS F 55 63.06 43.22 -3.77
C CYS F 55 62.74 44.71 -3.59
N GLN F 56 61.46 45.03 -3.34
CA GLN F 56 61.10 46.43 -3.11
C GLN F 56 61.81 46.98 -1.88
N ARG F 57 61.88 46.20 -0.80
CA ARG F 57 62.58 46.65 0.39
C ARG F 57 64.06 46.90 0.11
N SER F 58 64.69 46.00 -0.65
CA SER F 58 66.10 46.19 -0.99
C SER F 58 66.29 47.45 -1.83
N LEU F 59 65.39 47.70 -2.77
CA LEU F 59 65.49 48.90 -3.59
C LEU F 59 65.35 50.16 -2.74
N THR F 60 64.42 50.14 -1.77
CA THR F 60 64.24 51.30 -0.90
C THR F 60 65.50 51.58 -0.09
N GLU F 61 66.18 50.52 0.37
CA GLU F 61 67.41 50.69 1.14
C GLU F 61 68.54 51.31 0.33
N ASP F 62 68.42 51.35 -0.99
CA ASP F 62 69.45 51.93 -1.85
C ASP F 62 69.05 53.36 -2.22
N PRO F 63 69.85 54.35 -1.86
CA PRO F 63 69.49 55.74 -2.19
C PRO F 63 69.88 56.08 -3.61
N PRO F 64 69.22 57.10 -4.25
CA PRO F 64 69.34 57.48 -5.71
C PRO F 64 70.58 58.33 -6.00
N PRO F 65 71.26 58.89 -4.98
CA PRO F 65 72.41 59.78 -5.25
C PRO F 65 73.56 59.05 -5.93
N ALA F 66 74.17 59.67 -6.94
CA ALA F 66 75.31 59.06 -7.66
C ALA F 66 76.22 60.17 -8.21
N THR F 67 77.49 59.84 -8.52
CA THR F 67 78.41 60.84 -9.12
C THR F 67 77.84 61.26 -10.48
N ASP F 68 77.33 60.30 -11.27
CA ASP F 68 76.68 60.63 -12.56
C ASP F 68 75.17 60.60 -12.37
N LEU F 69 74.42 61.27 -13.24
CA LEU F 69 72.94 61.34 -13.06
C LEU F 69 72.39 59.92 -13.10
N PHE F 70 71.51 59.56 -12.16
CA PHE F 70 70.98 58.19 -12.09
C PHE F 70 69.72 58.06 -12.96
N CYS F 71 69.29 56.82 -13.20
CA CYS F 71 68.09 56.56 -13.99
C CYS F 71 66.92 56.25 -13.05
N ASN F 72 65.76 55.97 -13.64
CA ASN F 72 64.57 55.67 -12.86
C ASN F 72 64.78 54.41 -12.03
N ARG F 73 64.17 54.40 -10.84
CA ARG F 73 64.27 53.27 -9.91
C ARG F 73 62.86 53.00 -9.37
N THR F 74 62.20 52.00 -9.95
CA THR F 74 60.84 51.63 -9.54
C THR F 74 60.70 50.12 -9.66
N PHE F 75 59.47 49.63 -9.48
CA PHE F 75 59.17 48.21 -9.57
C PHE F 75 58.32 47.97 -10.81
N ASP F 76 58.93 47.37 -11.84
CA ASP F 76 58.24 47.09 -13.09
C ASP F 76 58.44 45.64 -13.50
N ALA F 79 59.39 42.82 -12.34
CA ALA F 79 60.85 42.90 -12.40
C ALA F 79 61.33 44.25 -11.88
N CYS F 80 61.81 44.26 -10.64
CA CYS F 80 62.31 45.49 -10.04
C CYS F 80 63.58 45.95 -10.73
N TRP F 81 63.65 47.24 -11.05
CA TRP F 81 64.80 47.82 -11.72
C TRP F 81 65.50 48.80 -10.78
N PRO F 82 66.71 48.50 -10.33
CA PRO F 82 67.43 49.42 -9.45
C PRO F 82 68.11 50.53 -10.24
N ASP F 83 68.85 51.36 -9.52
CA ASP F 83 69.56 52.46 -10.17
C ASP F 83 70.63 51.92 -11.10
N GLY F 84 70.65 52.42 -12.33
CA GLY F 84 71.60 52.00 -13.33
C GLY F 84 72.83 52.89 -13.38
N GLU F 85 73.63 52.69 -14.43
CA GLU F 85 74.84 53.45 -14.64
C GLU F 85 74.65 54.43 -15.78
N PRO F 86 74.90 55.72 -15.57
CA PRO F 86 74.71 56.70 -16.65
C PRO F 86 75.77 56.53 -17.73
N GLY F 87 75.31 56.39 -18.97
CA GLY F 87 76.23 56.21 -20.09
C GLY F 87 76.87 54.85 -20.14
N SER F 88 76.15 53.81 -19.72
CA SER F 88 76.68 52.45 -19.75
C SER F 88 75.52 51.47 -19.71
N PHE F 89 75.81 50.22 -20.06
CA PHE F 89 74.80 49.17 -20.07
C PHE F 89 74.51 48.74 -18.64
N VAL F 90 73.24 48.78 -18.26
CA VAL F 90 72.80 48.41 -16.92
C VAL F 90 72.14 47.04 -16.99
N ASN F 91 72.52 46.14 -16.09
CA ASN F 91 71.98 44.80 -16.03
C ASN F 91 71.38 44.54 -14.66
N VAL F 92 70.29 43.76 -14.66
CA VAL F 92 69.60 43.41 -13.43
C VAL F 92 69.19 41.94 -13.50
N SER F 93 69.16 41.29 -12.34
CA SER F 93 68.81 39.88 -12.28
C SER F 93 67.30 39.72 -12.50
N CYS F 94 66.93 38.93 -13.51
CA CYS F 94 65.53 38.70 -13.78
C CYS F 94 64.91 37.80 -12.71
N PRO F 95 63.61 37.91 -12.47
CA PRO F 95 62.97 37.07 -11.46
C PRO F 95 62.90 35.61 -11.90
N TRP F 96 62.68 34.74 -10.91
CA TRP F 96 62.58 33.31 -11.15
C TRP F 96 61.32 32.71 -10.52
N TYR F 97 60.36 33.55 -10.14
CA TYR F 97 59.13 33.06 -9.53
C TYR F 97 58.18 32.44 -10.53
N LEU F 98 58.45 32.57 -11.85
CA LEU F 98 57.59 32.00 -12.88
C LEU F 98 58.21 30.74 -13.46
N PRO F 99 57.39 29.80 -13.93
CA PRO F 99 57.97 28.58 -14.50
C PRO F 99 58.77 28.84 -15.76
N TRP F 100 58.35 29.80 -16.59
CA TRP F 100 59.10 30.11 -17.80
C TRP F 100 60.36 30.91 -17.50
N ALA F 101 60.36 31.67 -16.40
CA ALA F 101 61.52 32.47 -16.02
C ALA F 101 62.52 31.70 -15.17
N SER F 102 62.10 30.61 -14.52
CA SER F 102 63.01 29.84 -13.69
C SER F 102 64.06 29.11 -14.52
N SER F 103 63.77 28.83 -15.79
CA SER F 103 64.74 28.14 -16.64
C SER F 103 65.92 29.02 -17.01
N VAL F 104 65.81 30.33 -16.80
CA VAL F 104 66.89 31.27 -17.11
C VAL F 104 67.22 32.06 -15.86
N PRO F 105 67.80 31.44 -14.82
CA PRO F 105 68.11 32.20 -13.60
C PRO F 105 69.25 33.18 -13.78
N GLN F 106 70.24 32.86 -14.62
CA GLN F 106 71.38 33.73 -14.85
C GLN F 106 71.11 34.80 -15.91
N GLY F 107 69.86 34.96 -16.33
CA GLY F 107 69.55 35.97 -17.32
C GLY F 107 69.66 37.37 -16.75
N HIS F 108 70.02 38.32 -17.63
CA HIS F 108 70.18 39.71 -17.26
C HIS F 108 69.37 40.58 -18.21
N VAL F 109 68.73 41.61 -17.67
CA VAL F 109 67.92 42.53 -18.45
C VAL F 109 68.81 43.70 -18.86
N TYR F 110 69.12 43.80 -20.14
CA TYR F 110 69.99 44.85 -20.65
C TYR F 110 69.21 46.16 -20.78
N ARG F 111 69.80 47.24 -20.30
CA ARG F 111 69.18 48.56 -20.38
C ARG F 111 70.23 49.57 -20.82
N PHE F 112 69.75 50.67 -21.40
CA PHE F 112 70.62 51.74 -21.91
C PHE F 112 70.29 53.03 -21.15
N CYS F 113 70.96 53.23 -20.02
CA CYS F 113 70.79 54.43 -19.21
C CYS F 113 71.78 55.49 -19.70
N THR F 114 71.27 56.49 -20.43
CA THR F 114 72.12 57.52 -20.99
C THR F 114 72.79 58.33 -19.88
N ALA F 115 73.76 59.16 -20.28
CA ALA F 115 74.48 59.98 -19.32
C ALA F 115 73.60 61.07 -18.71
N GLU F 116 72.51 61.45 -19.38
CA GLU F 116 71.60 62.46 -18.88
C GLU F 116 70.58 61.90 -17.90
N GLY F 117 70.76 60.67 -17.43
CA GLY F 117 69.82 60.08 -16.49
C GLY F 117 68.45 59.80 -17.09
N LEU F 118 68.38 59.55 -18.39
CA LEU F 118 67.12 59.26 -19.07
C LEU F 118 67.27 57.99 -19.89
N TRP F 119 66.28 57.11 -19.78
CA TRP F 119 66.31 55.86 -20.53
C TRP F 119 66.08 56.12 -22.01
N LEU F 120 66.60 55.22 -22.85
CA LEU F 120 66.44 55.34 -24.29
C LEU F 120 64.98 55.10 -24.67
N GLN F 121 64.31 56.16 -25.14
CA GLN F 121 62.91 56.10 -25.54
C GLN F 121 62.81 56.51 -27.00
N LYS F 122 62.52 55.53 -27.87
CA LYS F 122 62.41 55.84 -29.30
C LYS F 122 61.18 56.70 -29.60
N ASP F 123 60.14 56.60 -28.76
CA ASP F 123 58.92 57.37 -28.95
C ASP F 123 58.29 57.63 -27.60
N ASN F 124 57.50 58.70 -27.53
CA ASN F 124 56.82 59.10 -26.31
C ASN F 124 55.32 58.77 -26.33
N SER F 125 54.87 58.01 -27.33
CA SER F 125 53.47 57.64 -27.43
C SER F 125 53.07 56.55 -26.43
N SER F 126 54.03 55.95 -25.74
CA SER F 126 53.75 54.89 -24.79
C SER F 126 54.81 54.95 -23.68
N LEU F 127 54.89 53.90 -22.88
CA LEU F 127 55.87 53.83 -21.80
C LEU F 127 57.27 53.79 -22.36
N PRO F 128 58.30 53.84 -21.51
CA PRO F 128 59.67 53.81 -22.03
C PRO F 128 59.99 52.50 -22.71
N TRP F 129 60.90 52.56 -23.68
CA TRP F 129 61.28 51.38 -24.43
C TRP F 129 62.15 50.46 -23.59
N ARG F 130 61.99 49.15 -23.81
CA ARG F 130 62.75 48.15 -23.08
C ARG F 130 62.95 46.94 -23.98
N ASP F 131 64.12 46.32 -23.87
CA ASP F 131 64.49 45.15 -24.66
C ASP F 131 64.59 43.96 -23.74
N LEU F 132 63.76 42.94 -23.96
CA LEU F 132 63.75 41.73 -23.15
C LEU F 132 63.57 40.53 -24.09
N SER F 133 64.64 39.77 -24.29
CA SER F 133 64.60 38.60 -25.15
C SER F 133 65.19 37.34 -24.52
N GLU F 134 66.05 37.46 -23.51
CA GLU F 134 66.64 36.31 -22.85
C GLU F 134 65.88 35.86 -21.61
N CYS F 135 65.13 36.76 -20.98
CA CYS F 135 64.37 36.42 -19.78
C CYS F 135 62.93 36.07 -20.13
N GLU F 147 44.63 22.23 -19.33
CA GLU F 147 44.46 23.54 -19.94
C GLU F 147 42.99 23.76 -20.32
N GLU F 148 42.63 23.35 -21.55
CA GLU F 148 41.25 23.49 -21.98
C GLU F 148 40.37 22.36 -21.42
N GLN F 149 40.98 21.24 -21.05
CA GLN F 149 40.21 20.12 -20.50
C GLN F 149 39.55 20.51 -19.18
N LEU F 150 40.23 21.28 -18.34
CA LEU F 150 39.63 21.72 -17.08
C LEU F 150 38.41 22.58 -17.34
N LEU F 151 38.49 23.49 -18.31
CA LEU F 151 37.32 24.28 -18.68
C LEU F 151 36.22 23.39 -19.24
N PHE F 152 36.58 22.36 -19.98
CA PHE F 152 35.59 21.43 -20.49
C PHE F 152 34.94 20.64 -19.36
N LEU F 153 35.75 20.15 -18.42
CA LEU F 153 35.20 19.45 -17.27
C LEU F 153 34.33 20.38 -16.43
N TYR F 154 34.65 21.67 -16.43
CA TYR F 154 33.87 22.63 -15.64
C TYR F 154 32.47 22.82 -16.23
N ILE F 155 32.40 23.06 -17.54
CA ILE F 155 31.12 23.34 -18.18
C ILE F 155 30.22 22.11 -18.22
N ILE F 156 30.80 20.90 -18.26
CA ILE F 156 29.99 19.69 -18.36
C ILE F 156 29.45 19.22 -17.02
N TYR F 157 30.16 19.48 -15.92
CA TYR F 157 29.71 19.04 -14.60
C TYR F 157 28.91 20.11 -13.86
N THR F 158 29.03 21.38 -14.24
CA THR F 158 28.21 22.41 -13.63
C THR F 158 26.78 22.37 -14.17
N VAL F 159 26.61 22.05 -15.45
CA VAL F 159 25.26 21.98 -16.00
C VAL F 159 24.52 20.78 -15.46
N GLY F 160 25.23 19.67 -15.22
CA GLY F 160 24.59 18.49 -14.67
C GLY F 160 24.16 18.65 -13.22
N TYR F 161 24.98 19.34 -12.42
CA TYR F 161 24.62 19.56 -11.03
C TYR F 161 23.40 20.46 -10.91
N ALA F 162 23.27 21.44 -11.81
CA ALA F 162 22.10 22.31 -11.78
C ALA F 162 20.82 21.52 -12.08
N LEU F 163 20.88 20.63 -13.07
CA LEU F 163 19.70 19.82 -13.38
C LEU F 163 19.34 18.91 -12.21
N SER F 164 20.35 18.35 -11.53
CA SER F 164 20.08 17.51 -10.37
C SER F 164 19.41 18.31 -9.26
N PHE F 165 19.91 19.52 -9.00
CA PHE F 165 19.32 20.36 -7.97
C PHE F 165 17.84 20.61 -8.26
N SER F 166 17.51 20.88 -9.52
CA SER F 166 16.12 21.14 -9.87
C SER F 166 15.27 19.89 -9.72
N ALA F 167 15.80 18.73 -10.10
CA ALA F 167 15.04 17.49 -10.01
C ALA F 167 14.98 16.97 -8.58
N LEU F 168 16.00 17.28 -7.77
CA LEU F 168 16.03 16.78 -6.41
C LEU F 168 15.05 17.54 -5.52
N VAL F 169 14.99 18.87 -5.65
CA VAL F 169 14.11 19.65 -4.80
C VAL F 169 12.65 19.28 -5.06
N ILE F 170 12.28 19.09 -6.32
CA ILE F 170 10.91 18.70 -6.63
C ILE F 170 10.64 17.28 -6.19
N ALA F 171 11.64 16.40 -6.25
CA ALA F 171 11.47 15.03 -5.81
C ALA F 171 11.25 14.96 -4.31
N SER F 172 12.04 15.72 -3.54
CA SER F 172 11.87 15.73 -2.09
C SER F 172 10.53 16.33 -1.69
N ALA F 173 10.09 17.37 -2.39
CA ALA F 173 8.81 17.99 -2.07
C ALA F 173 7.66 17.02 -2.29
N ILE F 174 7.74 16.21 -3.35
CA ILE F 174 6.68 15.25 -3.63
C ILE F 174 6.60 14.20 -2.52
N LEU F 175 7.76 13.68 -2.11
CA LEU F 175 7.78 12.66 -1.07
C LEU F 175 7.42 13.22 0.30
N LEU F 176 7.73 14.49 0.55
CA LEU F 176 7.42 15.10 1.84
C LEU F 176 5.99 15.62 1.91
N GLY F 177 5.46 16.13 0.81
CA GLY F 177 4.10 16.65 0.78
C GLY F 177 3.02 15.59 0.76
N PHE F 178 3.40 14.32 0.74
CA PHE F 178 2.44 13.21 0.72
C PHE F 178 2.51 12.53 2.08
N ARG F 179 1.50 12.78 2.92
CA ARG F 179 1.48 12.19 4.26
C ARG F 179 1.27 10.69 4.21
N HIS F 180 0.58 10.18 3.19
CA HIS F 180 0.30 8.76 3.07
C HIS F 180 1.44 7.99 2.40
N LEU F 181 2.63 8.58 2.30
CA LEU F 181 3.80 7.89 1.79
C LEU F 181 4.92 7.79 2.81
N HIS F 182 4.68 8.15 4.06
CA HIS F 182 5.71 8.15 5.09
C HIS F 182 6.00 6.71 5.53
N CYS F 183 7.19 6.22 5.19
CA CYS F 183 7.62 4.90 5.61
C CYS F 183 9.13 4.89 5.69
N THR F 184 9.66 3.99 6.53
CA THR F 184 11.10 3.97 6.81
C THR F 184 11.92 4.04 5.53
N ARG F 185 11.59 3.21 4.55
CA ARG F 185 12.36 3.22 3.30
C ARG F 185 12.32 4.60 2.65
N ASN F 186 11.17 5.29 2.72
CA ASN F 186 11.09 6.63 2.16
C ASN F 186 11.81 7.65 3.02
N TYR F 187 11.83 7.44 4.34
CA TYR F 187 12.57 8.35 5.22
C TYR F 187 14.04 8.35 4.86
N ILE F 188 14.62 7.17 4.64
CA ILE F 188 16.02 7.10 4.22
C ILE F 188 16.18 7.73 2.84
N HIS F 189 15.18 7.55 1.97
CA HIS F 189 15.25 8.17 0.66
C HIS F 189 15.23 9.69 0.76
N LEU F 190 14.28 10.25 1.51
CA LEU F 190 14.20 11.70 1.64
C LEU F 190 15.50 12.28 2.16
N ASN F 191 16.12 11.63 3.15
CA ASN F 191 17.42 12.09 3.63
C ASN F 191 18.48 11.92 2.56
N LEU F 192 18.36 10.89 1.72
CA LEU F 192 19.30 10.72 0.63
C LEU F 192 19.21 11.87 -0.36
N PHE F 193 18.00 12.29 -0.71
CA PHE F 193 17.84 13.42 -1.62
C PHE F 193 18.32 14.71 -0.98
N ALA F 194 18.05 14.89 0.32
CA ALA F 194 18.55 16.06 1.02
C ALA F 194 20.08 16.08 1.02
N SER F 195 20.70 14.91 1.15
CA SER F 195 22.17 14.84 1.11
C SER F 195 22.68 15.25 -0.28
N PHE F 196 22.02 14.77 -1.33
CA PHE F 196 22.43 15.16 -2.68
C PHE F 196 22.28 16.66 -2.88
N ILE F 197 21.20 17.25 -2.37
CA ILE F 197 20.99 18.68 -2.50
C ILE F 197 22.11 19.44 -1.79
N LEU F 198 22.37 19.08 -0.53
CA LEU F 198 23.47 19.71 0.20
C LEU F 198 24.78 19.58 -0.56
N ARG F 199 24.98 18.43 -1.21
CA ARG F 199 26.18 18.26 -2.03
C ARG F 199 26.19 19.23 -3.20
N ALA F 200 25.08 19.30 -3.95
CA ALA F 200 25.02 20.19 -5.09
C ALA F 200 25.15 21.65 -4.65
N LEU F 201 24.49 22.02 -3.55
CA LEU F 201 24.58 23.38 -3.06
C LEU F 201 25.99 23.71 -2.62
N SER F 202 26.68 22.75 -1.99
CA SER F 202 28.03 23.02 -1.49
C SER F 202 29.01 23.26 -2.63
N VAL F 203 29.01 22.39 -3.63
CA VAL F 203 29.94 22.54 -4.75
C VAL F 203 29.72 23.87 -5.46
N PHE F 204 28.49 24.37 -5.47
CA PHE F 204 28.22 25.65 -6.11
C PHE F 204 28.88 26.80 -5.36
N ILE F 205 28.78 26.78 -4.02
CA ILE F 205 29.45 27.79 -3.22
C ILE F 205 30.96 27.62 -3.31
N LYS F 206 31.43 26.41 -3.61
CA LYS F 206 32.86 26.13 -3.65
C LYS F 206 33.50 26.77 -4.89
N ASP F 207 33.03 26.38 -6.08
CA ASP F 207 33.68 26.85 -7.30
C ASP F 207 33.63 28.37 -7.39
N ALA F 208 32.50 28.97 -7.00
CA ALA F 208 32.40 30.42 -7.03
C ALA F 208 33.42 31.05 -6.08
N ALA F 209 33.64 30.42 -4.91
CA ALA F 209 34.63 30.93 -3.98
C ALA F 209 36.03 30.87 -4.58
N LEU F 210 36.36 29.78 -5.26
CA LEU F 210 37.66 29.66 -5.91
C LEU F 210 37.87 30.79 -6.91
N LYS F 211 36.85 31.07 -7.72
CA LYS F 211 36.95 32.18 -8.68
C LYS F 211 37.13 33.50 -7.94
N TRP F 212 36.40 33.70 -6.84
CA TRP F 212 36.52 34.95 -6.09
C TRP F 212 37.92 35.09 -5.51
N MET F 213 38.48 34.01 -4.97
CA MET F 213 39.80 34.09 -4.36
C MET F 213 40.88 34.39 -5.39
N TYR F 214 40.77 33.79 -6.57
CA TYR F 214 41.81 33.94 -7.58
C TYR F 214 41.60 35.17 -8.47
N SER F 215 40.38 35.69 -8.54
CA SER F 215 40.10 36.86 -9.36
C SER F 215 40.31 38.15 -8.56
N SER F 228 44.03 38.27 1.29
CA SER F 228 42.70 38.63 1.73
C SER F 228 41.81 37.40 1.87
N TYR F 229 41.27 36.94 0.74
CA TYR F 229 40.41 35.76 0.77
C TYR F 229 41.17 34.53 1.25
N GLN F 230 42.45 34.42 0.91
CA GLN F 230 43.23 33.26 1.32
C GLN F 230 43.46 33.28 2.83
N ASP F 231 43.86 34.42 3.37
CA ASP F 231 44.13 34.50 4.81
C ASP F 231 42.86 34.36 5.62
N SER F 232 41.73 34.84 5.09
CA SER F 232 40.48 34.77 5.82
C SER F 232 40.11 33.32 6.11
N LEU F 233 39.61 33.07 7.32
CA LEU F 233 39.25 31.72 7.72
C LEU F 233 37.97 31.23 7.05
N SER F 234 37.24 32.10 6.35
CA SER F 234 36.00 31.69 5.72
C SER F 234 36.24 30.64 4.65
N CYS F 235 37.25 30.86 3.80
CA CYS F 235 37.50 29.92 2.71
C CYS F 235 37.82 28.53 3.24
N ARG F 236 38.57 28.45 4.35
CA ARG F 236 38.91 27.15 4.92
C ARG F 236 37.66 26.41 5.37
N LEU F 237 36.76 27.10 6.06
CA LEU F 237 35.53 26.46 6.53
C LEU F 237 34.66 26.02 5.37
N VAL F 238 34.65 26.78 4.28
CA VAL F 238 33.83 26.42 3.13
C VAL F 238 34.29 25.09 2.55
N PHE F 239 35.60 24.91 2.40
CA PHE F 239 36.12 23.66 1.85
C PHE F 239 35.84 22.49 2.78
N LEU F 240 35.95 22.71 4.10
CA LEU F 240 35.59 21.66 5.05
C LEU F 240 34.13 21.27 4.88
N LEU F 241 33.25 22.26 4.71
CA LEU F 241 31.84 21.97 4.50
C LEU F 241 31.65 21.07 3.28
N MET F 242 32.40 21.34 2.21
CA MET F 242 32.32 20.50 1.02
C MET F 242 32.84 19.10 1.30
N GLN F 243 33.99 19.00 1.98
CA GLN F 243 34.52 17.68 2.33
C GLN F 243 33.53 16.92 3.21
N TYR F 244 32.82 17.63 4.09
CA TYR F 244 31.83 16.98 4.93
C TYR F 244 30.60 16.57 4.12
N CYS F 245 30.18 17.42 3.20
CA CYS F 245 29.00 17.10 2.39
C CYS F 245 29.27 15.93 1.46
N VAL F 246 30.40 15.96 0.75
CA VAL F 246 30.73 14.84 -0.14
C VAL F 246 30.94 13.56 0.66
N ALA F 247 31.50 13.68 1.86
CA ALA F 247 31.67 12.51 2.71
C ALA F 247 30.33 11.99 3.21
N ALA F 248 29.44 12.91 3.61
CA ALA F 248 28.11 12.49 4.07
C ALA F 248 27.34 11.81 2.95
N ASN F 249 27.49 12.30 1.71
CA ASN F 249 26.77 11.69 0.60
C ASN F 249 27.21 10.25 0.37
N TYR F 250 28.53 10.02 0.35
CA TYR F 250 29.03 8.67 0.16
C TYR F 250 28.59 7.76 1.30
N TYR F 251 28.63 8.26 2.53
CA TYR F 251 28.22 7.44 3.68
C TYR F 251 26.71 7.24 3.70
N TRP F 252 25.94 8.21 3.19
CA TRP F 252 24.50 8.02 3.11
C TRP F 252 24.14 7.05 1.97
N LEU F 253 24.95 7.03 0.91
CA LEU F 253 24.80 6.00 -0.09
C LEU F 253 25.09 4.62 0.51
N LEU F 254 25.97 4.57 1.51
CA LEU F 254 26.28 3.32 2.17
C LEU F 254 25.13 2.84 3.03
N VAL F 255 24.62 3.72 3.90
CA VAL F 255 23.52 3.33 4.79
C VAL F 255 22.31 2.89 3.98
N GLU F 256 22.18 3.39 2.74
CA GLU F 256 21.11 2.91 1.87
C GLU F 256 21.35 1.47 1.47
N GLY F 257 22.60 1.12 1.14
CA GLY F 257 22.92 -0.24 0.76
C GLY F 257 22.81 -1.20 1.94
N VAL F 258 23.33 -0.80 3.10
CA VAL F 258 23.27 -1.67 4.27
C VAL F 258 21.83 -1.86 4.72
N TYR F 259 20.96 -0.88 4.49
CA TYR F 259 19.56 -1.03 4.82
C TYR F 259 18.87 -2.01 3.87
N LEU F 260 19.16 -1.91 2.57
CA LEU F 260 18.62 -2.85 1.60
C LEU F 260 19.07 -4.27 1.93
N TYR F 261 20.33 -4.43 2.33
CA TYR F 261 20.82 -5.76 2.71
C TYR F 261 20.15 -6.25 3.99
N THR F 262 19.88 -5.34 4.93
CA THR F 262 19.17 -5.74 6.15
C THR F 262 17.77 -6.25 5.83
N LEU F 263 17.11 -5.63 4.84
CA LEU F 263 15.80 -6.10 4.42
C LEU F 263 15.88 -7.50 3.82
N LEU F 264 16.80 -7.69 2.88
CA LEU F 264 16.96 -9.00 2.26
C LEU F 264 17.43 -10.04 3.27
N ALA F 265 18.50 -9.74 3.99
CA ALA F 265 19.02 -10.64 5.02
C ALA F 265 18.01 -10.70 6.15
N PHE F 266 17.28 -11.82 6.24
CA PHE F 266 16.24 -11.98 7.24
C PHE F 266 16.78 -11.74 8.65
N SER F 267 16.30 -10.69 9.30
CA SER F 267 16.73 -10.37 10.66
C SER F 267 15.66 -9.48 11.30
N VAL F 268 15.21 -9.88 12.48
CA VAL F 268 14.18 -9.14 13.21
C VAL F 268 14.87 -8.02 13.99
N PHE F 269 14.55 -6.77 13.66
CA PHE F 269 15.10 -5.62 14.33
C PHE F 269 13.99 -4.62 14.63
N SER F 270 14.22 -3.80 15.66
CA SER F 270 13.27 -2.75 16.01
C SER F 270 13.44 -1.57 15.05
N GLU F 271 12.33 -1.11 14.48
CA GLU F 271 12.40 -0.09 13.44
C GLU F 271 12.92 1.25 14.00
N GLN F 272 12.51 1.60 15.22
CA GLN F 272 12.91 2.90 15.77
C GLN F 272 14.42 2.95 16.01
N TRP F 273 14.95 1.98 16.74
CA TRP F 273 16.38 1.99 17.05
C TRP F 273 17.22 1.86 15.79
N ILE F 274 16.91 0.88 14.94
CA ILE F 274 17.68 0.70 13.72
C ILE F 274 17.57 1.92 12.82
N PHE F 275 16.47 2.68 12.93
CA PHE F 275 16.32 3.87 12.12
C PHE F 275 17.22 5.00 12.60
N ARG F 276 17.14 5.35 13.88
CA ARG F 276 17.98 6.42 14.40
C ARG F 276 19.46 6.07 14.31
N LEU F 277 19.79 4.77 14.28
CA LEU F 277 21.17 4.37 14.08
C LEU F 277 21.62 4.66 12.65
N TYR F 278 20.75 4.43 11.67
CA TYR F 278 21.10 4.73 10.28
C TYR F 278 21.29 6.22 10.08
N VAL F 279 20.49 7.05 10.76
CA VAL F 279 20.66 8.49 10.66
C VAL F 279 21.95 8.92 11.35
N SER F 280 22.29 8.27 12.45
CA SER F 280 23.51 8.61 13.18
C SER F 280 24.74 8.27 12.36
N ILE F 281 24.81 7.04 11.85
CA ILE F 281 25.96 6.63 11.05
C ILE F 281 26.06 7.42 9.76
N GLY F 282 24.96 8.00 9.29
CA GLY F 282 25.00 8.75 8.04
C GLY F 282 25.39 10.20 8.21
N TRP F 283 25.00 10.82 9.32
CA TRP F 283 25.28 12.23 9.57
C TRP F 283 26.41 12.43 10.57
N GLY F 284 26.45 11.65 11.63
CA GLY F 284 27.44 11.82 12.68
C GLY F 284 28.83 11.35 12.28
N VAL F 285 28.92 10.16 11.68
CA VAL F 285 30.24 9.61 11.34
C VAL F 285 30.99 10.52 10.38
N PRO F 286 30.36 11.15 9.38
CA PRO F 286 31.08 12.13 8.56
C PRO F 286 31.90 13.12 9.37
N LEU F 287 31.43 13.48 10.58
CA LEU F 287 32.19 14.38 11.44
C LEU F 287 33.34 13.67 12.14
N LEU F 288 33.33 12.33 12.18
CA LEU F 288 34.36 11.61 12.92
C LEU F 288 35.69 11.57 12.18
N PHE F 289 35.71 11.81 10.87
CA PHE F 289 36.95 11.82 10.11
C PHE F 289 37.15 13.06 9.26
N VAL F 290 36.16 13.93 9.14
CA VAL F 290 36.35 15.19 8.41
C VAL F 290 36.88 16.28 9.33
N VAL F 291 36.46 16.27 10.60
CA VAL F 291 36.99 17.24 11.55
C VAL F 291 38.45 16.95 11.88
N PRO F 292 38.85 15.72 12.20
CA PRO F 292 40.29 15.45 12.36
C PRO F 292 41.11 15.89 11.17
N TRP F 293 40.64 15.62 9.95
CA TRP F 293 41.36 16.08 8.76
C TRP F 293 41.46 17.60 8.73
N GLY F 294 40.41 18.29 9.20
CA GLY F 294 40.45 19.74 9.21
C GLY F 294 41.50 20.29 10.14
N ILE F 295 41.51 19.80 11.39
CA ILE F 295 42.46 20.32 12.37
C ILE F 295 43.89 19.92 11.99
N VAL F 296 44.05 18.74 11.38
CA VAL F 296 45.38 18.30 10.96
C VAL F 296 45.89 19.16 9.82
N LYS F 297 45.03 19.46 8.85
CA LYS F 297 45.44 20.29 7.72
C LYS F 297 45.72 21.72 8.18
N TYR F 298 44.85 22.27 9.01
CA TYR F 298 45.03 23.64 9.50
C TYR F 298 46.41 23.84 10.09
N LEU F 299 46.78 23.03 11.07
CA LEU F 299 48.05 23.21 11.77
C LEU F 299 49.22 23.08 10.81
N TYR F 300 49.15 22.11 9.88
CA TYR F 300 50.29 21.84 9.02
C TYR F 300 50.31 22.76 7.81
N GLU F 301 49.22 22.79 7.04
CA GLU F 301 49.17 23.60 5.82
C GLU F 301 47.80 24.24 5.73
N ASP F 302 47.75 25.57 5.85
CA ASP F 302 46.50 26.31 5.83
C ASP F 302 46.50 27.47 4.84
N GLU F 303 47.62 27.73 4.16
CA GLU F 303 47.69 28.89 3.27
C GLU F 303 46.73 28.74 2.09
N GLY F 304 46.72 27.58 1.45
CA GLY F 304 45.93 27.36 0.25
C GLY F 304 44.47 27.08 0.47
N CYS F 305 43.87 27.60 1.54
CA CYS F 305 42.45 27.36 1.84
C CYS F 305 42.16 25.86 1.88
N TRP F 306 43.14 25.08 2.36
CA TRP F 306 43.03 23.63 2.44
C TRP F 306 42.69 23.05 1.07
N THR F 307 43.34 23.60 0.04
CA THR F 307 43.11 23.20 -1.35
C THR F 307 44.31 22.50 -1.97
N ARG F 308 45.46 22.48 -1.29
CA ARG F 308 46.68 21.90 -1.81
C ARG F 308 46.96 20.59 -1.07
N ASN F 309 46.99 19.49 -1.80
CA ASN F 309 47.30 18.18 -1.23
C ASN F 309 48.81 17.94 -1.25
N SER F 310 49.51 18.70 -0.40
CA SER F 310 50.95 18.60 -0.34
C SER F 310 51.39 17.18 0.02
N ASN F 311 50.87 16.64 1.12
CA ASN F 311 51.21 15.31 1.59
C ASN F 311 50.04 14.38 1.33
N MET F 312 50.29 13.29 0.59
CA MET F 312 49.23 12.34 0.27
C MET F 312 48.56 11.80 1.53
N ASN F 313 49.33 11.62 2.60
CA ASN F 313 48.77 11.05 3.83
C ASN F 313 47.53 11.83 4.29
N TYR F 314 47.63 13.16 4.33
CA TYR F 314 46.50 13.96 4.77
C TYR F 314 45.29 13.75 3.86
N TRP F 315 45.51 13.76 2.55
CA TRP F 315 44.42 13.49 1.62
C TRP F 315 43.88 12.07 1.80
N LEU F 316 44.73 11.15 2.27
CA LEU F 316 44.28 9.79 2.51
C LEU F 316 43.34 9.70 3.70
N ILE F 317 43.49 10.63 4.66
CA ILE F 317 42.63 10.60 5.84
C ILE F 317 41.17 10.75 5.45
N ILE F 318 40.88 11.71 4.58
CA ILE F 318 39.50 11.93 4.13
C ILE F 318 39.11 11.03 2.96
N ARG F 319 40.07 10.32 2.36
CA ARG F 319 39.79 9.47 1.22
C ARG F 319 39.63 8.01 1.58
N LEU F 320 40.36 7.51 2.57
CA LEU F 320 40.29 6.10 2.93
C LEU F 320 38.89 5.74 3.40
N PRO F 321 38.27 6.53 4.30
CA PRO F 321 36.90 6.21 4.71
C PRO F 321 35.93 6.16 3.53
N ILE F 322 36.08 7.07 2.56
CA ILE F 322 35.22 7.03 1.38
C ILE F 322 35.48 5.76 0.59
N LEU F 323 36.75 5.46 0.32
CA LEU F 323 37.07 4.24 -0.41
C LEU F 323 36.52 3.00 0.31
N PHE F 324 36.52 3.03 1.64
CA PHE F 324 35.95 1.91 2.40
C PHE F 324 34.45 1.81 2.16
N ALA F 325 33.74 2.94 2.27
CA ALA F 325 32.29 2.92 2.03
C ALA F 325 31.97 2.40 0.64
N ILE F 326 32.71 2.86 -0.37
CA ILE F 326 32.46 2.39 -1.74
C ILE F 326 32.75 0.91 -1.86
N GLY F 327 33.81 0.43 -1.19
CA GLY F 327 34.15 -0.97 -1.29
C GLY F 327 33.13 -1.87 -0.62
N VAL F 328 32.68 -1.48 0.57
CA VAL F 328 31.71 -2.28 1.32
C VAL F 328 30.33 -2.09 0.72
N ASN F 329 30.18 -1.09 -0.15
CA ASN F 329 28.93 -0.88 -0.88
C ASN F 329 28.85 -1.72 -2.14
N PHE F 330 29.98 -1.90 -2.84
CA PHE F 330 29.98 -2.79 -4.00
C PHE F 330 29.73 -4.22 -3.58
N LEU F 331 30.23 -4.62 -2.41
CA LEU F 331 29.97 -5.97 -1.90
C LEU F 331 28.48 -6.21 -1.74
N ILE F 332 27.75 -5.22 -1.25
CA ILE F 332 26.30 -5.36 -1.10
C ILE F 332 25.65 -5.44 -2.47
N PHE F 333 26.16 -4.67 -3.44
CA PHE F 333 25.57 -4.68 -4.78
C PHE F 333 25.69 -6.06 -5.41
N VAL F 334 26.88 -6.66 -5.36
CA VAL F 334 27.05 -8.01 -5.91
C VAL F 334 26.20 -9.01 -5.13
N ARG F 335 26.00 -8.75 -3.83
CA ARG F 335 25.16 -9.62 -3.02
C ARG F 335 23.69 -9.45 -3.37
N VAL F 336 23.24 -8.21 -3.55
CA VAL F 336 21.85 -7.97 -3.87
C VAL F 336 21.51 -8.53 -5.25
N ILE F 337 22.35 -8.22 -6.25
CA ILE F 337 22.09 -8.72 -7.60
C ILE F 337 22.15 -10.24 -7.62
N CYS F 338 22.93 -10.85 -6.72
CA CYS F 338 23.00 -12.30 -6.65
C CYS F 338 21.66 -12.90 -6.23
N ILE F 339 20.98 -12.25 -5.30
CA ILE F 339 19.65 -12.72 -4.88
C ILE F 339 18.64 -12.51 -6.00
N VAL F 340 18.79 -11.43 -6.76
CA VAL F 340 17.87 -11.14 -7.85
C VAL F 340 17.93 -12.27 -8.89
N VAL F 341 19.13 -12.56 -9.38
CA VAL F 341 19.27 -13.64 -10.37
C VAL F 341 18.81 -14.95 -9.79
N SER F 342 19.07 -15.20 -8.50
CA SER F 342 18.58 -16.42 -7.87
C SER F 342 17.06 -16.45 -7.88
N LYS F 343 16.42 -15.31 -7.62
CA LYS F 343 14.96 -15.28 -7.65
C LYS F 343 14.43 -15.41 -9.07
N LEU F 344 15.08 -14.76 -10.03
CA LEU F 344 14.65 -14.86 -11.42
C LEU F 344 14.88 -16.24 -12.00
N LYS F 345 15.79 -17.02 -11.43
CA LYS F 345 16.05 -18.35 -11.95
C LYS F 345 14.82 -19.24 -11.89
N ALA F 346 13.92 -18.99 -10.94
CA ALA F 346 12.69 -19.77 -10.82
C ALA F 346 11.51 -18.99 -11.38
N ILE F 354 16.42 -15.29 -18.03
CA ILE F 354 16.33 -14.11 -18.90
C ILE F 354 17.38 -13.09 -18.50
N LYS F 355 17.94 -12.40 -19.49
CA LYS F 355 18.98 -11.41 -19.26
C LYS F 355 18.51 -9.98 -19.38
N CYS F 356 17.46 -9.72 -20.17
CA CYS F 356 16.98 -8.35 -20.34
C CYS F 356 16.39 -7.82 -19.03
N ARG F 357 15.65 -8.66 -18.30
CA ARG F 357 15.08 -8.22 -17.04
C ARG F 357 16.16 -7.95 -16.00
N LEU F 358 17.17 -8.83 -15.94
CA LEU F 358 18.29 -8.58 -15.03
C LEU F 358 19.04 -7.31 -15.42
N ALA F 359 19.14 -7.04 -16.73
CA ALA F 359 19.80 -5.83 -17.19
C ALA F 359 19.05 -4.59 -16.71
N LYS F 360 17.73 -4.57 -16.89
CA LYS F 360 16.93 -3.45 -16.41
C LYS F 360 17.02 -3.28 -14.90
N SER F 361 17.27 -4.37 -14.16
CA SER F 361 17.30 -4.28 -12.71
C SER F 361 18.62 -3.69 -12.21
N THR F 362 19.74 -4.05 -12.86
CA THR F 362 21.02 -3.48 -12.46
C THR F 362 21.14 -2.03 -12.88
N LEU F 363 20.50 -1.64 -13.98
CA LEU F 363 20.54 -0.25 -14.42
C LEU F 363 19.87 0.68 -13.42
N THR F 364 18.91 0.18 -12.65
CA THR F 364 18.26 0.97 -11.61
C THR F 364 18.89 0.77 -10.24
N LEU F 365 19.58 -0.35 -10.02
CA LEU F 365 20.25 -0.57 -8.74
C LEU F 365 21.61 0.11 -8.69
N ILE F 366 22.22 0.37 -9.85
CA ILE F 366 23.54 1.00 -9.86
C ILE F 366 23.47 2.46 -9.40
N PRO F 367 22.59 3.30 -9.95
CA PRO F 367 22.58 4.70 -9.50
C PRO F 367 22.28 4.86 -8.02
N LEU F 368 21.38 4.05 -7.48
CA LEU F 368 21.02 4.18 -6.07
C LEU F 368 22.22 3.91 -5.17
N LEU F 369 23.00 2.88 -5.49
CA LEU F 369 24.15 2.51 -4.68
C LEU F 369 25.44 3.18 -5.14
N GLY F 370 25.42 3.91 -6.26
CA GLY F 370 26.60 4.59 -6.74
C GLY F 370 27.77 3.65 -6.94
N THR F 371 27.54 2.54 -7.64
CA THR F 371 28.59 1.56 -7.88
C THR F 371 29.48 1.92 -9.06
N HIS F 372 29.17 2.97 -9.81
CA HIS F 372 30.01 3.34 -10.94
C HIS F 372 31.38 3.82 -10.48
N GLU F 373 31.48 4.20 -9.20
CA GLU F 373 32.78 4.57 -8.65
C GLU F 373 33.76 3.40 -8.67
N VAL F 374 33.25 2.17 -8.67
CA VAL F 374 34.13 1.01 -8.67
C VAL F 374 34.88 0.85 -9.98
N ILE F 375 34.42 1.51 -11.05
CA ILE F 375 35.12 1.39 -12.33
C ILE F 375 36.54 1.93 -12.21
N PHE F 376 36.70 3.08 -11.54
CA PHE F 376 38.02 3.65 -11.22
C PHE F 376 38.02 3.94 -9.73
N ALA F 377 38.35 2.94 -8.93
CA ALA F 377 38.37 3.07 -7.47
C ALA F 377 39.77 2.88 -6.90
N PHE F 378 40.43 1.76 -7.20
CA PHE F 378 41.75 1.50 -6.63
C PHE F 378 42.77 2.49 -7.18
N VAL F 379 42.58 2.96 -8.40
CA VAL F 379 43.50 3.93 -8.99
C VAL F 379 43.53 5.17 -8.11
N MET F 380 44.73 5.63 -7.78
CA MET F 380 44.93 6.78 -6.92
C MET F 380 45.46 7.95 -7.72
N ASP F 381 45.23 9.16 -7.19
CA ASP F 381 45.68 10.37 -7.88
C ASP F 381 47.19 10.37 -8.04
N GLU F 382 47.91 9.92 -7.01
CA GLU F 382 49.38 9.89 -7.09
C GLU F 382 49.84 9.00 -8.23
N HIS F 383 49.12 7.89 -8.47
CA HIS F 383 49.51 6.98 -9.54
C HIS F 383 48.97 7.45 -10.89
N ALA F 384 47.73 7.94 -10.92
CA ALA F 384 47.13 8.36 -12.17
C ALA F 384 47.91 9.52 -12.78
N ARG F 385 48.28 9.37 -14.04
CA ARG F 385 49.00 10.40 -14.77
C ARG F 385 48.50 10.44 -16.20
N GLY F 386 48.87 11.50 -16.91
CA GLY F 386 48.53 11.61 -18.32
C GLY F 386 47.03 11.66 -18.55
N THR F 387 46.65 11.22 -19.76
CA THR F 387 45.24 11.22 -20.14
C THR F 387 44.39 10.31 -19.26
N LEU F 388 45.02 9.35 -18.57
CA LEU F 388 44.25 8.48 -17.67
C LEU F 388 43.52 9.30 -16.62
N ARG F 389 44.11 10.42 -16.18
CA ARG F 389 43.42 11.30 -15.26
C ARG F 389 42.17 11.90 -15.90
N PHE F 390 42.28 12.33 -17.17
CA PHE F 390 41.11 12.86 -17.86
C PHE F 390 40.03 11.80 -17.99
N ILE F 391 40.39 10.60 -18.46
CA ILE F 391 39.41 9.53 -18.57
C ILE F 391 38.83 9.20 -17.20
N LYS F 392 39.67 9.18 -16.17
CA LYS F 392 39.18 8.94 -14.82
C LYS F 392 38.24 10.04 -14.38
N LEU F 393 38.71 11.29 -14.39
CA LEU F 393 37.90 12.42 -13.94
C LEU F 393 36.67 12.64 -14.82
N PHE F 394 36.54 11.94 -15.93
CA PHE F 394 35.34 12.04 -16.76
C PHE F 394 34.19 11.20 -16.20
N THR F 395 34.50 10.20 -15.38
CA THR F 395 33.45 9.33 -14.86
C THR F 395 32.75 9.96 -13.66
N GLU F 396 33.50 10.30 -12.62
CA GLU F 396 32.91 10.87 -11.41
C GLU F 396 32.44 12.30 -11.59
N LEU F 397 32.70 12.93 -12.74
CA LEU F 397 32.20 14.26 -13.03
C LEU F 397 30.98 14.25 -13.94
N SER F 398 30.65 13.12 -14.55
CA SER F 398 29.47 12.97 -15.39
C SER F 398 28.41 12.09 -14.74
N PHE F 399 28.82 10.92 -14.22
CA PHE F 399 27.87 10.04 -13.55
C PHE F 399 27.38 10.66 -12.24
N THR F 400 28.32 11.08 -11.38
CA THR F 400 27.92 11.70 -10.12
C THR F 400 27.13 12.98 -10.36
N SER F 401 27.56 13.80 -11.33
CA SER F 401 26.80 15.00 -11.67
C SER F 401 25.39 14.66 -12.10
N PHE F 402 25.23 13.59 -12.87
CA PHE F 402 23.92 13.11 -13.30
C PHE F 402 23.38 12.00 -12.43
N GLN F 403 24.13 11.57 -11.41
CA GLN F 403 23.62 10.54 -10.50
C GLN F 403 22.37 11.04 -9.79
N GLY F 404 22.33 12.32 -9.43
CA GLY F 404 21.14 12.86 -8.79
C GLY F 404 19.90 12.74 -9.66
N LEU F 405 20.05 12.99 -10.96
CA LEU F 405 18.92 12.83 -11.87
C LEU F 405 18.45 11.38 -11.89
N MET F 406 19.39 10.43 -11.93
CA MET F 406 19.03 9.02 -11.99
C MET F 406 18.22 8.61 -10.76
N VAL F 407 18.79 8.79 -9.58
CA VAL F 407 18.11 8.37 -8.35
C VAL F 407 16.76 9.06 -8.24
N ALA F 408 16.65 10.29 -8.74
CA ALA F 408 15.40 11.04 -8.62
C ALA F 408 14.32 10.43 -9.50
N ILE F 409 14.55 10.39 -10.82
CA ILE F 409 13.51 9.96 -11.75
C ILE F 409 13.20 8.48 -11.55
N LEU F 410 14.21 7.69 -11.19
CA LEU F 410 13.99 6.25 -11.04
C LEU F 410 13.07 5.95 -9.85
N TYR F 411 13.30 6.61 -8.71
CA TYR F 411 12.61 6.27 -7.47
C TYR F 411 11.53 7.27 -7.08
N CYS F 412 11.38 8.38 -7.81
CA CYS F 412 10.35 9.36 -7.52
C CYS F 412 9.43 9.67 -8.69
N PHE F 413 9.84 9.36 -9.91
CA PHE F 413 9.01 9.56 -11.10
C PHE F 413 8.70 8.25 -11.81
N VAL F 414 9.70 7.38 -11.99
CA VAL F 414 9.47 6.12 -12.67
C VAL F 414 8.82 5.11 -11.73
N ASN F 415 8.94 5.30 -10.43
CA ASN F 415 8.29 4.40 -9.48
C ASN F 415 6.79 4.35 -9.73
N ASN F 416 6.24 3.14 -9.73
CA ASN F 416 4.82 2.99 -10.04
C ASN F 416 3.95 3.54 -8.91
N GLU F 417 4.39 3.37 -7.66
CA GLU F 417 3.59 3.81 -6.52
C GLU F 417 3.31 5.31 -6.61
N VAL F 418 4.35 6.12 -6.74
CA VAL F 418 4.17 7.56 -6.80
C VAL F 418 3.25 7.95 -7.94
N GLN F 419 3.37 7.27 -9.09
CA GLN F 419 2.50 7.56 -10.22
C GLN F 419 1.05 7.31 -9.86
N LEU F 420 0.74 6.12 -9.33
CA LEU F 420 -0.64 5.80 -8.96
C LEU F 420 -1.20 6.86 -8.02
N GLU F 421 -0.38 7.40 -7.13
CA GLU F 421 -0.84 8.46 -6.24
C GLU F 421 -1.22 9.71 -7.03
N PHE F 422 -0.49 9.99 -8.11
CA PHE F 422 -0.84 11.12 -8.96
C PHE F 422 -2.14 10.85 -9.71
N ARG F 423 -2.38 9.59 -10.06
CA ARG F 423 -3.61 9.27 -10.80
C ARG F 423 -4.84 9.45 -9.92
N LYS F 424 -4.75 9.10 -8.64
CA LYS F 424 -5.88 9.24 -7.74
C LYS F 424 -6.07 10.68 -7.28
N SER F 425 -5.01 11.47 -7.22
CA SER F 425 -5.11 12.87 -6.81
C SER F 425 -5.48 13.79 -7.96
N TRP F 426 -5.41 13.32 -9.21
CA TRP F 426 -5.79 14.16 -10.33
C TRP F 426 -7.27 14.50 -10.31
N GLU F 427 -8.09 13.65 -9.67
CA GLU F 427 -9.52 13.90 -9.62
C GLU F 427 -9.86 14.96 -8.57
N ARG F 428 -9.27 14.85 -7.38
CA ARG F 428 -9.55 15.81 -6.31
C ARG F 428 -8.86 17.15 -6.54
N TRP F 429 -7.89 17.23 -7.44
CA TRP F 429 -7.17 18.48 -7.70
C TRP F 429 -7.71 19.25 -8.89
N ARG F 430 -8.42 18.59 -9.81
CA ARG F 430 -8.92 19.27 -11.00
C ARG F 430 -10.09 20.19 -10.65
#